data_2R5W
#
_entry.id   2R5W
#
_cell.length_a   124.909
_cell.length_b   163.152
_cell.length_c   180.792
_cell.angle_alpha   90.00
_cell.angle_beta   90.00
_cell.angle_gamma   90.00
#
_symmetry.space_group_name_H-M   'F 2 2 2'
#
loop_
_entity.id
_entity.type
_entity.pdbx_description
1 polymer 'Nicotinamide-nucleotide adenylyltransferase'
2 non-polymer 'MAGNESIUM ION'
3 non-polymer 'CHLORIDE ION'
4 water water
#
_entity_poly.entity_id   1
_entity_poly.type   'polypeptide(L)'
_entity_poly.pdbx_seq_one_letter_code
;GAMDPMYDISVFIGRFQPFHKGHLHNIIIALQNSKKVIINIGSCFNTPNIKNPFSFEQRKQMIESDLQVAGIDLDTVVIE
PLADYFYQEQKWQDELRKNVYKHAKNNNSIAIVGHIKDSSSYYIRSFPEWDYIGVDNYKNFNATEFRQKFYNGIISKQYM
CSNDPKLGTYNFLTKFMDTQVYQDLVAENNYVIEYKRLWLKAPFKPNFVTVDALVIVNDHILMVQRKAHPGKDLWALPGG
FLECDETIAQAIIRELFEETNINLTHEQLAIAKRCEKVFDYPDRSVRGRTISHVGLFVFDQWPSLPEINAADDAKDVKWI
SLGSNIKNICDRMLEDHYQIITILLEECGKKL
;
_entity_poly.pdbx_strand_id   B,A
#
# COMPACT_ATOMS: atom_id res chain seq x y z
N MET A 6 -33.03 -15.79 33.08
CA MET A 6 -33.29 -14.40 33.60
C MET A 6 -33.45 -13.35 32.46
N TYR A 7 -32.44 -13.18 31.59
CA TYR A 7 -32.65 -12.38 30.36
C TYR A 7 -33.55 -13.23 29.45
N ASP A 8 -34.33 -12.55 28.60
CA ASP A 8 -35.19 -13.23 27.66
C ASP A 8 -34.42 -13.79 26.50
N ILE A 9 -33.41 -13.04 26.08
CA ILE A 9 -32.59 -13.28 24.89
C ILE A 9 -31.11 -13.07 25.26
N SER A 10 -30.27 -14.06 24.96
CA SER A 10 -28.80 -13.85 24.85
C SER A 10 -28.39 -13.92 23.38
N VAL A 11 -27.30 -13.21 23.07
CA VAL A 11 -26.80 -13.05 21.72
C VAL A 11 -25.38 -13.60 21.68
N PHE A 12 -25.15 -14.60 20.82
CA PHE A 12 -23.87 -15.29 20.74
C PHE A 12 -23.37 -15.23 19.31
N ILE A 13 -22.09 -14.90 19.14
CA ILE A 13 -21.54 -14.65 17.80
C ILE A 13 -20.32 -15.49 17.64
N GLY A 14 -20.19 -16.20 16.50
CA GLY A 14 -18.95 -16.93 16.16
C GLY A 14 -18.88 -17.34 14.69
N ARG A 15 -17.72 -17.83 14.27
CA ARG A 15 -17.52 -18.29 12.88
C ARG A 15 -17.85 -19.75 12.72
N PHE A 16 -17.54 -20.52 13.77
CA PHE A 16 -17.84 -21.95 13.89
C PHE A 16 -17.33 -22.75 12.70
N GLN A 17 -16.01 -22.72 12.50
CA GLN A 17 -15.35 -23.40 11.38
C GLN A 17 -14.33 -24.42 11.88
N PRO A 18 -14.78 -25.53 12.49
CA PRO A 18 -16.17 -25.89 12.77
C PRO A 18 -16.62 -25.56 14.22
N PHE A 19 -17.84 -26.00 14.56
CA PHE A 19 -18.36 -25.90 15.92
C PHE A 19 -17.61 -26.94 16.77
N HIS A 20 -17.26 -26.56 18.00
CA HIS A 20 -16.52 -27.47 18.87
C HIS A 20 -16.93 -27.32 20.34
N LYS A 21 -16.36 -28.17 21.18
CA LYS A 21 -16.68 -28.22 22.61
C LYS A 21 -16.66 -26.85 23.27
N GLY A 22 -15.68 -26.02 22.94
CA GLY A 22 -15.61 -24.67 23.48
C GLY A 22 -16.80 -23.79 23.16
N HIS A 23 -17.24 -23.82 21.90
CA HIS A 23 -18.45 -23.09 21.51
C HIS A 23 -19.60 -23.61 22.35
N LEU A 24 -19.62 -24.92 22.59
CA LEU A 24 -20.73 -25.57 23.28
C LEU A 24 -20.81 -25.12 24.72
N HIS A 25 -19.65 -25.07 25.38
CA HIS A 25 -19.60 -24.65 26.73
C HIS A 25 -20.19 -23.23 26.85
N ASN A 26 -19.82 -22.34 25.93
CA ASN A 26 -20.28 -20.97 26.02
C ASN A 26 -21.76 -20.78 25.74
N ILE A 27 -22.32 -21.69 24.95
CA ILE A 27 -23.76 -21.72 24.70
C ILE A 27 -24.47 -22.28 25.94
N ILE A 28 -23.86 -23.25 26.63
CA ILE A 28 -24.42 -23.73 27.89
C ILE A 28 -24.43 -22.61 28.95
N ILE A 29 -23.33 -21.87 29.07
CA ILE A 29 -23.32 -20.74 29.96
C ILE A 29 -24.40 -19.73 29.58
N ALA A 30 -24.53 -19.43 28.29
CA ALA A 30 -25.55 -18.49 27.84
C ALA A 30 -26.96 -18.85 28.29
N LEU A 31 -27.27 -20.15 28.26
CA LEU A 31 -28.65 -20.62 28.48
C LEU A 31 -28.98 -20.76 29.97
N GLN A 32 -27.95 -20.77 30.81
CA GLN A 32 -28.09 -20.66 32.25
C GLN A 32 -28.41 -19.22 32.66
N ASN A 33 -28.46 -18.30 31.70
CA ASN A 33 -28.55 -16.89 31.97
C ASN A 33 -29.65 -16.21 31.14
N SER A 34 -30.19 -16.97 30.19
CA SER A 34 -31.23 -16.48 29.28
C SER A 34 -32.15 -17.64 28.92
N LYS A 35 -33.31 -17.34 28.39
CA LYS A 35 -34.26 -18.39 28.08
C LYS A 35 -34.03 -18.85 26.66
N LYS A 36 -33.59 -17.91 25.81
CA LYS A 36 -33.32 -18.20 24.42
C LYS A 36 -31.97 -17.57 23.98
N VAL A 37 -31.16 -18.35 23.26
CA VAL A 37 -29.90 -17.86 22.70
C VAL A 37 -30.02 -17.67 21.19
N ILE A 38 -29.69 -16.46 20.74
CA ILE A 38 -29.61 -16.18 19.29
C ILE A 38 -28.15 -16.40 18.86
N ILE A 39 -27.93 -17.42 18.02
CA ILE A 39 -26.60 -17.72 17.51
C ILE A 39 -26.43 -17.05 16.14
N ASN A 40 -25.48 -16.14 16.10
CA ASN A 40 -25.12 -15.46 14.88
C ASN A 40 -23.81 -16.03 14.33
N ILE A 41 -23.88 -16.49 13.09
CA ILE A 41 -22.74 -17.14 12.47
C ILE A 41 -22.06 -16.10 11.58
N GLY A 42 -20.84 -15.73 11.91
CA GLY A 42 -20.15 -14.72 11.12
C GLY A 42 -19.56 -15.28 9.84
N SER A 43 -19.15 -14.39 8.93
CA SER A 43 -18.48 -14.77 7.69
C SER A 43 -19.29 -15.74 6.88
N CYS A 44 -20.56 -15.38 6.66
CA CYS A 44 -21.46 -16.11 5.77
C CYS A 44 -21.40 -15.55 4.35
N PHE A 45 -21.84 -16.37 3.39
CA PHE A 45 -22.04 -15.96 2.01
C PHE A 45 -20.72 -15.80 1.23
N ASN A 46 -19.69 -16.49 1.70
CA ASN A 46 -18.40 -16.49 1.04
C ASN A 46 -18.20 -17.88 0.49
N THR A 47 -17.39 -17.96 -0.55
CA THR A 47 -16.99 -19.22 -1.13
C THR A 47 -16.05 -19.96 -0.14
N PRO A 48 -16.01 -21.29 -0.18
CA PRO A 48 -15.12 -22.05 0.73
C PRO A 48 -13.67 -21.63 0.55
N ASN A 49 -13.01 -21.34 1.66
CA ASN A 49 -11.56 -21.16 1.61
C ASN A 49 -11.05 -21.95 2.80
N ILE A 50 -9.74 -22.14 2.87
CA ILE A 50 -9.18 -22.92 3.95
C ILE A 50 -9.51 -22.41 5.36
N LYS A 51 -9.73 -21.10 5.52
CA LYS A 51 -10.07 -20.55 6.84
C LYS A 51 -11.54 -20.69 7.16
N ASN A 52 -12.35 -20.69 6.09
CA ASN A 52 -13.80 -20.74 6.14
C ASN A 52 -14.32 -21.82 5.21
N PRO A 53 -14.05 -23.10 5.55
CA PRO A 53 -14.41 -24.15 4.60
C PRO A 53 -15.92 -24.40 4.46
N PHE A 54 -16.73 -24.02 5.47
CA PHE A 54 -18.16 -24.42 5.52
C PHE A 54 -19.13 -23.26 5.30
N SER A 55 -20.20 -23.56 4.60
CA SER A 55 -21.23 -22.56 4.29
C SER A 55 -22.06 -22.27 5.54
N PHE A 56 -22.89 -21.24 5.48
CA PHE A 56 -23.85 -21.01 6.54
C PHE A 56 -24.72 -22.27 6.83
N GLU A 57 -25.35 -22.82 5.81
CA GLU A 57 -26.27 -23.94 6.01
C GLU A 57 -25.58 -25.15 6.61
N GLN A 58 -24.34 -25.39 6.19
CA GLN A 58 -23.54 -26.49 6.73
C GLN A 58 -23.26 -26.33 8.20
N ARG A 59 -22.80 -25.14 8.60
CA ARG A 59 -22.50 -24.80 9.99
C ARG A 59 -23.75 -24.83 10.86
N LYS A 60 -24.84 -24.24 10.35
CA LYS A 60 -26.14 -24.28 11.02
C LYS A 60 -26.59 -25.74 11.37
N GLN A 61 -26.53 -26.61 10.35
CA GLN A 61 -26.82 -28.04 10.45
C GLN A 61 -25.86 -28.72 11.46
N MET A 62 -24.57 -28.44 11.35
CA MET A 62 -23.59 -28.94 12.32
C MET A 62 -23.92 -28.55 13.78
N ILE A 63 -24.24 -27.27 13.99
CA ILE A 63 -24.57 -26.75 15.32
C ILE A 63 -25.81 -27.48 15.87
N GLU A 64 -26.88 -27.45 15.11
CA GLU A 64 -28.10 -28.20 15.46
C GLU A 64 -27.83 -29.67 15.84
N SER A 65 -27.08 -30.39 15.02
CA SER A 65 -26.77 -31.77 15.34
C SER A 65 -25.95 -31.93 16.65
N ASP A 66 -25.02 -31.01 16.95
CA ASP A 66 -24.22 -31.07 18.21
C ASP A 66 -25.01 -30.66 19.45
N LEU A 67 -25.87 -29.66 19.32
CA LEU A 67 -26.75 -29.25 20.41
C LEU A 67 -27.71 -30.38 20.79
N GLN A 68 -28.24 -31.09 19.80
CA GLN A 68 -29.00 -32.28 20.07
C GLN A 68 -28.13 -33.39 20.76
N VAL A 69 -26.89 -33.61 20.28
CA VAL A 69 -25.98 -34.54 20.98
C VAL A 69 -25.79 -34.17 22.46
N ALA A 70 -25.86 -32.88 22.77
CA ALA A 70 -25.55 -32.28 24.07
C ALA A 70 -26.51 -32.30 25.29
N GLY A 71 -27.80 -32.63 25.22
CA GLY A 71 -28.74 -32.43 24.18
C GLY A 71 -29.49 -31.23 24.74
N ILE A 72 -29.39 -30.14 24.02
CA ILE A 72 -30.00 -28.89 24.37
C ILE A 72 -31.24 -28.78 23.48
N ASP A 73 -32.35 -28.45 24.12
CA ASP A 73 -33.61 -28.26 23.48
C ASP A 73 -33.50 -27.17 22.40
N LEU A 74 -33.79 -27.55 21.16
CA LEU A 74 -33.61 -26.64 20.02
C LEU A 74 -34.62 -25.52 19.96
N ASP A 75 -35.71 -25.64 20.72
CA ASP A 75 -36.66 -24.52 20.85
C ASP A 75 -36.00 -23.35 21.58
N THR A 76 -34.99 -23.63 22.38
CA THR A 76 -34.27 -22.56 23.08
C THR A 76 -33.15 -21.89 22.23
N VAL A 77 -33.01 -22.32 20.97
CA VAL A 77 -31.91 -21.88 20.10
C VAL A 77 -32.42 -21.38 18.78
N VAL A 78 -31.92 -20.21 18.34
CA VAL A 78 -32.11 -19.79 16.95
C VAL A 78 -30.75 -19.42 16.33
N ILE A 79 -30.67 -19.58 15.01
CA ILE A 79 -29.44 -19.41 14.26
C ILE A 79 -29.63 -18.48 13.06
N GLU A 80 -28.79 -17.46 12.96
CA GLU A 80 -28.86 -16.44 11.89
C GLU A 80 -27.49 -16.16 11.26
N PRO A 81 -27.46 -15.77 9.98
CA PRO A 81 -26.19 -15.46 9.32
C PRO A 81 -25.76 -14.00 9.43
N LEU A 82 -24.44 -13.77 9.50
CA LEU A 82 -23.84 -12.47 9.30
C LEU A 82 -22.81 -12.50 8.14
N ALA A 83 -22.95 -11.57 7.19
CA ALA A 83 -21.92 -11.34 6.17
C ALA A 83 -20.72 -10.67 6.80
N ASP A 84 -19.59 -10.73 6.10
CA ASP A 84 -18.38 -9.96 6.39
C ASP A 84 -18.57 -8.51 5.92
N TYR A 85 -18.22 -7.59 6.82
CA TYR A 85 -18.13 -6.16 6.49
C TYR A 85 -16.84 -5.60 7.10
N PHE A 86 -15.66 -6.06 6.62
CA PHE A 86 -14.37 -5.65 7.21
C PHE A 86 -14.14 -4.16 7.21
N TYR A 87 -14.79 -3.45 6.28
CA TYR A 87 -14.56 -2.02 6.05
C TYR A 87 -15.80 -1.14 6.32
N GLN A 88 -16.91 -1.78 6.69
CA GLN A 88 -18.20 -1.13 6.95
C GLN A 88 -18.84 -1.68 8.25
N GLU A 89 -18.14 -1.45 9.37
CA GLU A 89 -18.59 -1.85 10.69
C GLU A 89 -20.07 -1.55 11.00
N GLN A 90 -20.57 -0.43 10.51
CA GLN A 90 -21.94 -0.03 10.78
C GLN A 90 -22.92 -0.97 10.11
N LYS A 91 -22.60 -1.44 8.90
CA LYS A 91 -23.48 -2.44 8.27
C LYS A 91 -23.55 -3.74 9.08
N TRP A 92 -22.44 -4.09 9.72
CA TRP A 92 -22.38 -5.33 10.51
C TRP A 92 -23.17 -5.17 11.79
N GLN A 93 -23.03 -4.00 12.41
CA GLN A 93 -23.74 -3.64 13.63
C GLN A 93 -25.24 -3.68 13.42
N ASP A 94 -25.70 -3.08 12.33
CA ASP A 94 -27.11 -3.10 11.97
C ASP A 94 -27.60 -4.49 11.63
N GLU A 95 -26.77 -5.24 10.90
CA GLU A 95 -27.15 -6.58 10.48
C GLU A 95 -27.34 -7.50 11.69
N LEU A 96 -26.48 -7.35 12.70
CA LEU A 96 -26.64 -8.05 13.97
C LEU A 96 -27.97 -7.65 14.65
N ARG A 97 -28.25 -6.35 14.71
CA ARG A 97 -29.50 -5.84 15.31
C ARG A 97 -30.74 -6.46 14.67
N LYS A 98 -30.75 -6.45 13.33
CA LYS A 98 -31.80 -7.04 12.54
C LYS A 98 -32.02 -8.51 12.91
N ASN A 99 -30.93 -9.25 13.11
CA ASN A 99 -31.01 -10.65 13.48
C ASN A 99 -31.68 -10.83 14.83
N VAL A 100 -31.28 -10.00 15.79
CA VAL A 100 -31.83 -10.03 17.13
C VAL A 100 -33.31 -9.62 17.15
N TYR A 101 -33.64 -8.48 16.56
CA TYR A 101 -34.99 -7.97 16.68
C TYR A 101 -35.99 -8.73 15.80
N LYS A 102 -35.47 -9.62 14.97
CA LYS A 102 -36.31 -10.60 14.31
C LYS A 102 -36.90 -11.54 15.37
N HIS A 103 -36.15 -11.76 16.46
CA HIS A 103 -36.54 -12.73 17.47
C HIS A 103 -36.97 -12.13 18.80
N ALA A 104 -36.39 -10.97 19.16
CA ALA A 104 -36.74 -10.26 20.38
C ALA A 104 -38.11 -9.59 20.27
N LYS A 105 -38.80 -9.54 21.42
CA LYS A 105 -40.18 -9.08 21.50
C LYS A 105 -40.29 -7.87 22.44
N ASN A 106 -41.41 -7.15 22.32
CA ASN A 106 -41.69 -5.95 23.13
C ASN A 106 -41.01 -5.90 24.50
N ASN A 107 -39.90 -5.18 24.55
CA ASN A 107 -39.02 -5.11 25.72
C ASN A 107 -38.68 -6.44 26.40
N ASN A 108 -38.14 -7.35 25.59
CA ASN A 108 -37.34 -8.44 26.10
C ASN A 108 -36.06 -7.85 26.65
N SER A 109 -35.57 -8.39 27.75
CA SER A 109 -34.19 -8.12 28.15
C SER A 109 -33.29 -8.89 27.18
N ILE A 110 -32.19 -8.25 26.78
CA ILE A 110 -31.26 -8.77 25.79
C ILE A 110 -29.83 -8.60 26.31
N ALA A 111 -29.06 -9.68 26.32
CA ALA A 111 -27.64 -9.60 26.67
C ALA A 111 -26.75 -10.26 25.61
N ILE A 112 -25.58 -9.67 25.35
CA ILE A 112 -24.53 -10.33 24.54
C ILE A 112 -23.64 -11.18 25.42
N VAL A 113 -23.60 -12.47 25.15
CA VAL A 113 -22.74 -13.38 25.88
C VAL A 113 -21.44 -13.55 25.09
N GLY A 114 -20.74 -12.44 24.99
CA GLY A 114 -19.42 -12.39 24.37
C GLY A 114 -18.31 -12.87 25.29
N HIS A 115 -17.20 -12.14 25.26
CA HIS A 115 -15.91 -12.68 25.69
C HIS A 115 -15.14 -11.75 26.65
N ILE A 116 -14.97 -12.17 27.92
CA ILE A 116 -14.32 -11.32 28.95
C ILE A 116 -12.96 -10.80 28.50
N LYS A 117 -12.26 -11.61 27.70
CA LYS A 117 -10.97 -11.23 27.14
C LYS A 117 -11.14 -10.22 25.99
N ASP A 118 -10.94 -10.68 24.75
CA ASP A 118 -10.96 -9.78 23.59
C ASP A 118 -12.33 -9.60 22.97
N SER A 119 -12.49 -8.51 22.23
CA SER A 119 -13.76 -8.09 21.59
C SER A 119 -14.86 -7.56 22.53
N SER A 120 -14.73 -7.79 23.84
CA SER A 120 -15.73 -7.31 24.81
C SER A 120 -15.94 -5.81 24.66
N SER A 121 -14.84 -5.07 24.67
CA SER A 121 -14.82 -3.62 24.46
C SER A 121 -15.66 -3.24 23.25
N TYR A 122 -15.49 -3.99 22.17
CA TYR A 122 -16.20 -3.66 20.93
C TYR A 122 -17.72 -3.72 21.04
N TYR A 123 -18.24 -4.79 21.63
CA TYR A 123 -19.69 -5.00 21.76
C TYR A 123 -20.33 -4.02 22.75
N ILE A 124 -19.63 -3.79 23.86
CA ILE A 124 -20.04 -2.84 24.89
C ILE A 124 -20.23 -1.42 24.33
N ARG A 125 -19.29 -1.02 23.48
CA ARG A 125 -19.35 0.29 22.84
C ARG A 125 -20.40 0.35 21.71
N SER A 126 -20.49 -0.72 20.93
CA SER A 126 -21.38 -0.74 19.76
C SER A 126 -22.83 -1.01 20.14
N PHE A 127 -23.01 -1.80 21.20
CA PHE A 127 -24.35 -2.14 21.66
C PHE A 127 -24.51 -1.75 23.15
N PRO A 128 -24.54 -0.43 23.44
CA PRO A 128 -24.73 0.04 24.81
C PRO A 128 -26.10 -0.39 25.33
N GLU A 129 -27.07 -0.54 24.43
CA GLU A 129 -28.43 -0.85 24.82
C GLU A 129 -28.68 -2.31 25.27
N TRP A 130 -27.70 -3.19 25.09
CA TRP A 130 -27.82 -4.55 25.62
C TRP A 130 -26.81 -4.73 26.73
N ASP A 131 -27.12 -5.62 27.66
CA ASP A 131 -26.18 -5.94 28.73
C ASP A 131 -25.09 -6.83 28.20
N TYR A 132 -24.11 -7.13 29.04
CA TYR A 132 -22.99 -7.93 28.61
C TYR A 132 -22.73 -9.02 29.60
N ILE A 133 -22.41 -10.20 29.09
CA ILE A 133 -22.03 -11.33 29.92
C ILE A 133 -20.73 -11.86 29.35
N GLY A 134 -19.67 -11.80 30.14
CA GLY A 134 -18.41 -12.43 29.75
C GLY A 134 -18.45 -13.89 30.15
N VAL A 135 -17.78 -14.74 29.36
CA VAL A 135 -17.72 -16.18 29.65
C VAL A 135 -16.29 -16.68 29.88
N ASP A 136 -15.39 -16.14 29.06
CA ASP A 136 -14.05 -16.65 28.77
C ASP A 136 -13.29 -17.45 29.83
N ASN A 137 -12.69 -18.59 29.46
CA ASN A 137 -12.52 -19.21 28.12
C ASN A 137 -11.17 -19.89 28.22
N TYR A 138 -11.10 -20.67 29.29
CA TYR A 138 -9.90 -21.17 29.91
C TYR A 138 -9.33 -22.36 29.19
N LYS A 139 -10.10 -22.89 28.22
CA LYS A 139 -9.61 -23.94 27.34
C LYS A 139 -9.34 -23.41 25.95
N ASN A 140 -8.14 -23.73 25.45
CA ASN A 140 -7.61 -23.20 24.19
C ASN A 140 -8.02 -24.03 22.96
N PHE A 141 -9.22 -23.79 22.43
CA PHE A 141 -9.68 -24.53 21.26
C PHE A 141 -9.20 -23.82 19.99
N ASN A 142 -8.09 -24.28 19.44
CA ASN A 142 -7.42 -23.55 18.37
C ASN A 142 -8.01 -23.93 17.01
N ALA A 143 -8.82 -23.02 16.48
CA ALA A 143 -9.54 -23.29 15.24
C ALA A 143 -8.58 -23.64 14.09
N THR A 144 -7.52 -22.85 13.91
CA THR A 144 -6.45 -23.10 12.90
C THR A 144 -5.83 -24.47 13.02
N GLU A 145 -5.40 -24.82 14.22
CA GLU A 145 -4.86 -26.14 14.49
C GLU A 145 -5.85 -27.24 14.16
N PHE A 146 -7.14 -27.01 14.38
CA PHE A 146 -8.10 -28.04 14.04
C PHE A 146 -8.10 -28.29 12.51
N ARG A 147 -8.25 -27.22 11.76
CA ARG A 147 -8.33 -27.32 10.30
C ARG A 147 -7.08 -27.89 9.67
N GLN A 148 -5.91 -27.49 10.19
CA GLN A 148 -4.65 -28.02 9.66
C GLN A 148 -4.60 -29.54 9.74
N LYS A 149 -4.95 -30.11 10.91
CA LYS A 149 -5.02 -31.58 11.05
C LYS A 149 -6.15 -32.14 10.17
N PHE A 150 -7.28 -31.43 10.12
CA PHE A 150 -8.38 -31.88 9.26
C PHE A 150 -7.96 -31.95 7.77
N TYR A 151 -7.16 -30.98 7.31
CA TYR A 151 -6.62 -30.98 5.95
C TYR A 151 -5.60 -32.09 5.75
N ASN A 152 -5.08 -32.60 6.87
CA ASN A 152 -4.25 -33.80 6.86
C ASN A 152 -4.98 -35.10 7.12
N GLY A 153 -6.29 -35.10 6.99
CA GLY A 153 -7.05 -36.34 7.17
C GLY A 153 -7.46 -36.70 8.60
N ILE A 154 -7.18 -35.82 9.57
CA ILE A 154 -7.47 -36.17 10.98
C ILE A 154 -8.50 -35.28 11.64
N ILE A 155 -9.50 -35.90 12.25
CA ILE A 155 -10.49 -35.14 12.99
C ILE A 155 -10.11 -35.25 14.47
N SER A 156 -9.72 -34.11 15.05
CA SER A 156 -9.30 -34.08 16.46
C SER A 156 -10.50 -34.32 17.41
N LYS A 157 -10.54 -35.51 17.99
CA LYS A 157 -11.70 -35.90 18.79
C LYS A 157 -12.01 -34.97 19.94
N GLN A 158 -10.99 -34.40 20.58
CA GLN A 158 -11.27 -33.56 21.75
C GLN A 158 -12.00 -32.26 21.42
N TYR A 159 -12.08 -31.90 20.15
CA TYR A 159 -12.88 -30.72 19.77
C TYR A 159 -14.36 -31.10 19.61
N MET A 160 -14.63 -32.37 19.29
CA MET A 160 -15.95 -32.81 18.82
C MET A 160 -16.93 -33.01 19.93
N CYS A 161 -18.08 -32.35 19.86
CA CYS A 161 -19.15 -32.55 20.83
C CYS A 161 -19.61 -34.00 20.86
N SER A 162 -19.62 -34.66 19.72
CA SER A 162 -19.94 -36.06 19.62
C SER A 162 -18.65 -36.91 19.63
N ASN A 163 -18.68 -38.04 20.36
CA ASN A 163 -17.57 -38.99 20.36
C ASN A 163 -17.83 -40.16 19.44
N ASP A 164 -18.96 -40.09 18.75
CA ASP A 164 -19.41 -41.11 17.85
C ASP A 164 -19.31 -40.53 16.42
N PRO A 165 -18.49 -41.15 15.54
CA PRO A 165 -18.34 -40.53 14.20
C PRO A 165 -19.60 -40.60 13.36
N LYS A 166 -20.66 -41.23 13.88
CA LYS A 166 -21.92 -41.34 13.14
C LYS A 166 -22.84 -40.17 13.43
N LEU A 167 -22.42 -39.32 14.36
CA LEU A 167 -23.25 -38.22 14.81
C LEU A 167 -22.54 -36.85 14.87
N GLY A 168 -23.36 -35.80 14.82
CA GLY A 168 -22.88 -34.46 15.08
C GLY A 168 -21.97 -33.93 14.00
N THR A 169 -21.29 -32.86 14.36
CA THR A 169 -20.27 -32.27 13.50
C THR A 169 -19.25 -33.34 13.11
N TYR A 170 -18.88 -34.22 14.05
CA TYR A 170 -18.00 -35.38 13.79
C TYR A 170 -18.44 -36.14 12.52
N ASN A 171 -19.74 -36.41 12.41
CA ASN A 171 -20.29 -37.12 11.24
C ASN A 171 -20.22 -36.30 9.97
N PHE A 172 -20.62 -35.04 10.07
CA PHE A 172 -20.52 -34.12 8.94
C PHE A 172 -19.10 -34.05 8.34
N LEU A 173 -18.08 -33.93 9.20
CA LEU A 173 -16.68 -33.82 8.78
C LEU A 173 -16.17 -35.11 8.16
N THR A 174 -16.59 -36.25 8.72
CA THR A 174 -16.23 -37.58 8.18
C THR A 174 -16.70 -37.73 6.72
N LYS A 175 -17.94 -37.34 6.46
CA LYS A 175 -18.50 -37.42 5.12
C LYS A 175 -17.90 -36.36 4.21
N PHE A 176 -17.64 -35.18 4.77
CA PHE A 176 -17.11 -34.07 4.01
C PHE A 176 -15.74 -34.41 3.40
N MET A 177 -14.98 -35.29 4.04
CA MET A 177 -13.66 -35.69 3.57
C MET A 177 -13.72 -36.58 2.32
N ASP A 178 -14.91 -37.03 1.96
CA ASP A 178 -15.10 -37.77 0.71
C ASP A 178 -15.52 -36.88 -0.46
N THR A 179 -15.60 -35.55 -0.23
CA THR A 179 -16.08 -34.64 -1.27
C THR A 179 -14.95 -33.97 -2.06
N GLN A 180 -15.32 -33.45 -3.24
CA GLN A 180 -14.44 -32.72 -4.14
C GLN A 180 -14.02 -31.39 -3.51
N VAL A 181 -14.96 -30.70 -2.87
CA VAL A 181 -14.65 -29.48 -2.12
C VAL A 181 -13.51 -29.70 -1.11
N TYR A 182 -13.57 -30.81 -0.36
CA TYR A 182 -12.53 -31.12 0.60
C TYR A 182 -11.18 -31.21 -0.09
N GLN A 183 -11.13 -32.00 -1.18
CA GLN A 183 -9.97 -32.09 -2.06
C GLN A 183 -9.48 -30.71 -2.56
N ASP A 184 -10.40 -29.82 -2.93
CA ASP A 184 -10.02 -28.44 -3.30
C ASP A 184 -9.43 -27.65 -2.15
N LEU A 185 -9.99 -27.86 -0.96
CA LEU A 185 -9.48 -27.18 0.23
C LEU A 185 -8.06 -27.62 0.56
N VAL A 186 -7.83 -28.93 0.49
CA VAL A 186 -6.49 -29.53 0.71
C VAL A 186 -5.45 -28.98 -0.30
N ALA A 187 -5.84 -28.89 -1.57
CA ALA A 187 -4.99 -28.31 -2.63
C ALA A 187 -4.64 -26.87 -2.34
N GLU A 188 -5.63 -26.08 -1.93
CA GLU A 188 -5.40 -24.68 -1.51
C GLU A 188 -4.49 -24.61 -0.30
N ASN A 189 -4.78 -25.44 0.70
CA ASN A 189 -3.94 -25.48 1.88
C ASN A 189 -2.45 -25.77 1.57
N ASN A 190 -2.19 -26.81 0.78
CA ASN A 190 -0.81 -27.15 0.36
C ASN A 190 -0.12 -25.98 -0.36
N TYR A 191 -0.87 -25.34 -1.27
CA TYR A 191 -0.42 -24.12 -1.90
C TYR A 191 -0.02 -23.07 -0.88
N VAL A 192 -0.85 -22.86 0.13
CA VAL A 192 -0.53 -21.86 1.15
C VAL A 192 0.67 -22.23 2.02
N ILE A 193 0.76 -23.48 2.46
CA ILE A 193 1.93 -23.94 3.22
C ILE A 193 3.25 -23.74 2.40
N GLU A 194 3.24 -24.11 1.14
CA GLU A 194 4.42 -23.97 0.31
C GLU A 194 4.79 -22.47 0.14
N TYR A 195 3.77 -21.65 -0.13
CA TYR A 195 3.97 -20.21 -0.24
C TYR A 195 4.60 -19.57 1.00
N LYS A 196 4.06 -19.88 2.17
CA LYS A 196 4.58 -19.32 3.41
C LYS A 196 6.00 -19.81 3.70
N ARG A 197 6.31 -21.06 3.32
CA ARG A 197 7.61 -21.69 3.57
C ARG A 197 8.72 -20.90 2.85
N LEU A 198 8.46 -20.53 1.61
CA LEU A 198 9.34 -19.66 0.85
C LEU A 198 9.77 -18.38 1.60
N TRP A 199 8.96 -17.90 2.53
CA TRP A 199 9.15 -16.58 3.17
C TRP A 199 9.68 -16.66 4.58
N LEU A 200 10.20 -17.83 4.94
CA LEU A 200 10.53 -18.14 6.33
C LEU A 200 11.78 -17.47 6.88
N LYS A 201 12.78 -17.31 6.02
CA LYS A 201 14.02 -16.67 6.47
C LYS A 201 14.22 -15.26 5.92
N ALA A 202 13.10 -14.64 5.52
CA ALA A 202 13.04 -13.21 5.27
C ALA A 202 13.22 -12.53 6.61
N PRO A 203 13.98 -11.44 6.63
CA PRO A 203 14.28 -10.75 7.92
C PRO A 203 13.02 -10.25 8.67
N PHE A 204 11.96 -9.97 7.91
CA PHE A 204 10.70 -9.47 8.46
C PHE A 204 9.59 -10.16 7.65
N LYS A 205 8.43 -10.35 8.28
CA LYS A 205 7.20 -10.71 7.60
C LYS A 205 6.82 -9.64 6.56
N PRO A 206 6.61 -10.05 5.32
CA PRO A 206 6.25 -9.04 4.32
C PRO A 206 4.74 -8.68 4.34
N ASN A 207 4.42 -7.43 4.03
CA ASN A 207 3.06 -7.07 3.64
C ASN A 207 3.11 -7.08 2.12
N PHE A 208 2.35 -7.95 1.50
CA PHE A 208 2.24 -7.98 0.03
C PHE A 208 1.30 -6.88 -0.47
N VAL A 209 1.63 -6.34 -1.64
CA VAL A 209 0.85 -5.28 -2.27
C VAL A 209 0.38 -5.78 -3.65
N THR A 210 -0.92 -5.70 -3.84
CA THR A 210 -1.57 -6.04 -5.08
C THR A 210 -2.45 -4.86 -5.54
N VAL A 211 -2.93 -4.99 -6.77
CA VAL A 211 -3.82 -4.02 -7.39
C VAL A 211 -4.95 -4.79 -8.02
N ASP A 212 -6.10 -4.13 -8.13
CA ASP A 212 -7.22 -4.62 -8.93
C ASP A 212 -7.89 -3.43 -9.71
N ALA A 213 -8.64 -3.78 -10.73
CA ALA A 213 -9.37 -2.83 -11.53
C ALA A 213 -10.83 -3.22 -11.46
N LEU A 214 -11.68 -2.29 -11.06
CA LEU A 214 -13.09 -2.52 -11.21
C LEU A 214 -13.53 -1.71 -12.42
N VAL A 215 -13.88 -2.42 -13.48
CA VAL A 215 -14.32 -1.79 -14.71
C VAL A 215 -15.82 -2.03 -14.90
N ILE A 216 -16.56 -0.93 -14.87
CA ILE A 216 -17.98 -0.97 -15.16
C ILE A 216 -18.27 -0.32 -16.51
N VAL A 217 -18.83 -1.11 -17.42
CA VAL A 217 -19.24 -0.65 -18.74
C VAL A 217 -20.72 -1.04 -18.91
N ASN A 218 -21.60 -0.03 -19.01
CA ASN A 218 -23.06 -0.20 -19.12
C ASN A 218 -23.65 -1.12 -18.06
N ASP A 219 -23.37 -0.82 -16.79
CA ASP A 219 -23.83 -1.62 -15.66
C ASP A 219 -23.40 -3.10 -15.73
N HIS A 220 -22.30 -3.37 -16.41
CA HIS A 220 -21.64 -4.68 -16.39
C HIS A 220 -20.24 -4.58 -15.77
N ILE A 221 -19.97 -5.46 -14.81
CA ILE A 221 -18.66 -5.61 -14.19
C ILE A 221 -17.83 -6.63 -14.95
N LEU A 222 -16.59 -6.25 -15.25
CA LEU A 222 -15.61 -7.16 -15.78
C LEU A 222 -15.01 -7.99 -14.65
N MET A 223 -15.17 -9.31 -14.75
CA MET A 223 -14.61 -10.26 -13.79
C MET A 223 -13.88 -11.41 -14.48
N VAL A 224 -12.81 -11.88 -13.85
CA VAL A 224 -11.99 -12.97 -14.36
C VAL A 224 -12.27 -14.15 -13.48
N GLN A 225 -12.15 -15.34 -14.04
CA GLN A 225 -12.26 -16.55 -13.26
C GLN A 225 -10.86 -17.11 -13.08
N ARG A 226 -10.51 -17.39 -11.85
CA ARG A 226 -9.12 -17.62 -11.50
C ARG A 226 -8.59 -18.97 -11.94
N LYS A 227 -7.35 -18.97 -12.41
CA LYS A 227 -6.68 -20.19 -12.88
C LYS A 227 -5.93 -20.87 -11.74
N ALA A 228 -5.39 -20.04 -10.86
CA ALA A 228 -4.44 -20.44 -9.82
C ALA A 228 -4.93 -20.20 -8.36
N HIS A 229 -4.22 -20.81 -7.40
CA HIS A 229 -4.49 -20.58 -5.98
C HIS A 229 -3.94 -19.22 -5.57
N PRO A 230 -4.57 -18.57 -4.56
CA PRO A 230 -5.78 -19.00 -3.85
C PRO A 230 -7.04 -18.59 -4.62
N GLY A 231 -8.16 -19.21 -4.27
CA GLY A 231 -9.40 -18.89 -4.90
C GLY A 231 -9.47 -19.40 -6.32
N LYS A 232 -8.82 -20.54 -6.54
CA LYS A 232 -8.98 -21.33 -7.76
C LYS A 232 -10.47 -21.52 -8.13
N ASP A 233 -10.79 -21.24 -9.38
CA ASP A 233 -12.17 -21.31 -9.88
C ASP A 233 -13.08 -20.22 -9.38
N LEU A 234 -12.61 -19.32 -8.51
CA LEU A 234 -13.50 -18.22 -8.10
C LEU A 234 -13.45 -17.05 -9.08
N TRP A 235 -14.50 -16.25 -9.06
CA TRP A 235 -14.57 -15.02 -9.83
C TRP A 235 -13.92 -13.87 -9.04
N ALA A 236 -13.22 -13.00 -9.76
CA ALA A 236 -12.51 -11.92 -9.09
C ALA A 236 -12.37 -10.71 -10.02
N LEU A 237 -12.12 -9.55 -9.43
CA LEU A 237 -11.70 -8.42 -10.21
C LEU A 237 -10.33 -8.76 -10.77
N PRO A 238 -10.07 -8.36 -12.04
CA PRO A 238 -8.76 -8.60 -12.61
C PRO A 238 -7.70 -7.85 -11.79
N GLY A 239 -6.58 -8.50 -11.49
CA GLY A 239 -5.57 -7.80 -10.71
C GLY A 239 -4.44 -8.73 -10.30
N GLY A 240 -3.42 -8.16 -9.69
CA GLY A 240 -2.29 -8.94 -9.22
C GLY A 240 -1.24 -8.13 -8.49
N PHE A 241 -0.06 -8.72 -8.37
CA PHE A 241 1.00 -8.11 -7.59
C PHE A 241 1.57 -6.86 -8.25
N LEU A 242 1.85 -5.86 -7.42
CA LEU A 242 2.58 -4.66 -7.83
C LEU A 242 4.07 -4.98 -8.01
N GLU A 243 4.62 -4.59 -9.15
CA GLU A 243 6.04 -4.79 -9.44
C GLU A 243 6.81 -3.60 -8.88
N CYS A 244 8.11 -3.77 -8.73
CA CYS A 244 8.92 -2.80 -8.01
C CYS A 244 9.26 -1.53 -8.78
N ASP A 245 9.01 -1.55 -10.08
CA ASP A 245 9.44 -0.45 -10.94
C ASP A 245 8.29 0.37 -11.52
N GLU A 246 7.06 0.02 -11.14
CA GLU A 246 5.86 0.76 -11.59
C GLU A 246 5.10 1.49 -10.44
N THR A 247 4.33 2.51 -10.79
CA THR A 247 3.43 3.12 -9.84
C THR A 247 2.20 2.21 -9.72
N ILE A 248 1.44 2.41 -8.64
CA ILE A 248 0.19 1.69 -8.44
C ILE A 248 -0.81 1.91 -9.59
N ALA A 249 -0.98 3.17 -10.00
CA ALA A 249 -1.82 3.54 -11.13
C ALA A 249 -1.47 2.77 -12.41
N GLN A 250 -0.18 2.59 -12.67
CA GLN A 250 0.30 1.85 -13.84
C GLN A 250 0.01 0.36 -13.73
N ALA A 251 0.21 -0.17 -12.52
CA ALA A 251 0.03 -1.59 -12.23
C ALA A 251 -1.39 -1.97 -12.46
N ILE A 252 -2.29 -1.13 -11.97
CA ILE A 252 -3.69 -1.43 -12.08
C ILE A 252 -4.04 -1.67 -13.58
N ILE A 253 -3.52 -0.80 -14.45
CA ILE A 253 -3.77 -0.89 -15.86
C ILE A 253 -3.01 -2.08 -16.47
N ARG A 254 -1.77 -2.32 -16.02
CA ARG A 254 -0.98 -3.39 -16.59
C ARG A 254 -1.66 -4.75 -16.36
N GLU A 255 -2.14 -4.99 -15.14
CA GLU A 255 -2.74 -6.29 -14.82
C GLU A 255 -4.07 -6.44 -15.52
N LEU A 256 -4.83 -5.35 -15.63
CA LEU A 256 -6.10 -5.35 -16.37
C LEU A 256 -5.89 -5.82 -17.85
N PHE A 257 -4.94 -5.22 -18.57
CA PHE A 257 -4.68 -5.64 -19.93
C PHE A 257 -4.19 -7.08 -19.96
N GLU A 258 -3.23 -7.41 -19.08
CA GLU A 258 -2.65 -8.75 -19.00
C GLU A 258 -3.67 -9.87 -18.89
N GLU A 259 -4.69 -9.67 -18.06
CA GLU A 259 -5.63 -10.74 -17.72
C GLU A 259 -6.93 -10.74 -18.55
N THR A 260 -7.28 -9.58 -19.08
CA THR A 260 -8.52 -9.44 -19.81
C THR A 260 -8.35 -8.99 -21.28
N ASN A 261 -7.16 -8.52 -21.65
CA ASN A 261 -6.94 -7.94 -22.98
C ASN A 261 -8.07 -7.01 -23.45
N ILE A 262 -8.62 -6.24 -22.53
CA ILE A 262 -9.73 -5.35 -22.82
C ILE A 262 -9.39 -4.41 -24.00
N ASN A 263 -10.35 -4.25 -24.91
CA ASN A 263 -10.13 -3.43 -26.08
C ASN A 263 -10.50 -1.98 -25.72
N LEU A 264 -9.65 -1.38 -24.89
CA LEU A 264 -9.78 0.03 -24.52
C LEU A 264 -8.36 0.58 -24.49
N THR A 265 -8.23 1.90 -24.59
CA THR A 265 -6.91 2.54 -24.56
C THR A 265 -6.58 3.10 -23.17
N HIS A 266 -5.32 3.42 -22.95
CA HIS A 266 -4.92 4.06 -21.70
C HIS A 266 -5.76 5.28 -21.43
N GLU A 267 -5.84 6.16 -22.45
CA GLU A 267 -6.59 7.42 -22.33
C GLU A 267 -8.07 7.21 -22.02
N GLN A 268 -8.71 6.24 -22.68
CA GLN A 268 -10.09 5.94 -22.37
C GLN A 268 -10.34 5.53 -20.91
N LEU A 269 -9.41 4.71 -20.39
CA LEU A 269 -9.45 4.30 -18.99
C LEU A 269 -9.10 5.46 -18.05
N ALA A 270 -8.09 6.26 -18.40
CA ALA A 270 -7.75 7.47 -17.61
C ALA A 270 -8.90 8.46 -17.51
N ILE A 271 -9.70 8.56 -18.58
CA ILE A 271 -10.88 9.43 -18.57
C ILE A 271 -11.96 8.83 -17.65
N ALA A 272 -12.11 7.51 -17.72
CA ALA A 272 -13.11 6.76 -16.95
C ALA A 272 -12.82 6.54 -15.46
N LYS A 273 -11.58 6.76 -15.04
CA LYS A 273 -11.18 6.49 -13.66
C LYS A 273 -11.88 7.40 -12.65
N ARG A 274 -12.54 6.79 -11.66
CA ARG A 274 -13.27 7.53 -10.63
C ARG A 274 -12.47 7.73 -9.35
N CYS A 275 -11.72 6.71 -8.93
CA CYS A 275 -10.96 6.73 -7.68
C CYS A 275 -10.07 5.49 -7.53
N GLU A 276 -9.21 5.52 -6.51
CA GLU A 276 -8.56 4.31 -6.02
C GLU A 276 -8.86 4.18 -4.54
N LYS A 277 -9.11 2.96 -4.08
CA LYS A 277 -9.26 2.72 -2.66
C LYS A 277 -8.32 1.61 -2.23
N VAL A 278 -7.85 1.71 -0.99
CA VAL A 278 -7.00 0.74 -0.36
C VAL A 278 -7.82 -0.24 0.49
N PHE A 279 -7.57 -1.55 0.31
CA PHE A 279 -8.16 -2.57 1.19
C PHE A 279 -7.08 -3.33 1.99
N ASP A 280 -7.12 -3.15 3.31
CA ASP A 280 -5.99 -3.54 4.15
C ASP A 280 -6.37 -4.36 5.37
N TYR A 281 -7.53 -5.02 5.33
CA TYR A 281 -7.94 -5.88 6.43
C TYR A 281 -6.90 -7.03 6.57
N PRO A 282 -6.25 -7.18 7.75
CA PRO A 282 -5.06 -8.08 7.81
C PRO A 282 -5.33 -9.51 7.39
N ASP A 283 -6.51 -10.03 7.66
CA ASP A 283 -6.85 -11.39 7.22
C ASP A 283 -7.67 -11.50 5.93
N ARG A 284 -7.61 -10.49 5.07
CA ARG A 284 -8.36 -10.62 3.80
C ARG A 284 -7.90 -11.80 2.92
N SER A 285 -6.63 -12.15 2.99
CA SER A 285 -6.14 -13.20 2.13
C SER A 285 -5.47 -14.32 2.95
N VAL A 286 -5.65 -15.57 2.53
CA VAL A 286 -5.03 -16.72 3.18
C VAL A 286 -3.51 -16.82 2.99
N ARG A 287 -2.99 -16.24 1.90
CA ARG A 287 -1.54 -16.28 1.56
C ARG A 287 -0.59 -15.69 2.58
N GLY A 288 -1.01 -14.61 3.23
CA GLY A 288 -0.14 -13.75 4.03
C GLY A 288 -0.86 -12.42 4.05
N ARG A 289 -0.22 -11.39 4.61
CA ARG A 289 -0.86 -10.08 4.68
C ARG A 289 -0.80 -9.39 3.34
N THR A 290 -1.96 -9.21 2.72
CA THR A 290 -2.03 -8.65 1.36
C THR A 290 -2.90 -7.42 1.33
N ILE A 291 -2.35 -6.31 0.86
CA ILE A 291 -3.07 -5.06 0.78
C ILE A 291 -3.40 -4.84 -0.67
N SER A 292 -4.64 -4.47 -0.95
CA SER A 292 -5.04 -4.19 -2.31
C SER A 292 -5.41 -2.75 -2.60
N HIS A 293 -4.85 -2.22 -3.67
CA HIS A 293 -5.27 -0.91 -4.18
C HIS A 293 -6.14 -1.13 -5.42
N VAL A 294 -7.37 -0.65 -5.37
CA VAL A 294 -8.35 -0.91 -6.42
C VAL A 294 -8.86 0.37 -7.06
N GLY A 295 -8.60 0.49 -8.36
CA GLY A 295 -9.20 1.55 -9.17
C GLY A 295 -10.59 1.23 -9.71
N LEU A 296 -11.50 2.20 -9.58
CA LEU A 296 -12.82 2.13 -10.21
C LEU A 296 -12.80 2.88 -11.56
N PHE A 297 -13.28 2.22 -12.60
CA PHE A 297 -13.37 2.85 -13.92
C PHE A 297 -14.78 2.68 -14.42
N VAL A 298 -15.45 3.83 -14.66
CA VAL A 298 -16.86 3.81 -15.06
C VAL A 298 -17.09 4.33 -16.47
N PHE A 299 -17.71 3.50 -17.31
CA PHE A 299 -18.15 3.85 -18.67
C PHE A 299 -19.69 3.80 -18.82
N ASP A 300 -20.33 4.96 -18.94
CA ASP A 300 -21.80 5.03 -19.17
C ASP A 300 -22.19 5.22 -20.66
N GLN A 301 -23.32 4.66 -21.07
CA GLN A 301 -23.85 4.78 -22.45
C GLN A 301 -22.75 4.53 -23.48
N TRP A 302 -21.97 3.49 -23.25
CA TRP A 302 -20.87 3.10 -24.14
C TRP A 302 -21.50 2.42 -25.37
N PRO A 303 -20.91 2.58 -26.57
CA PRO A 303 -21.57 1.98 -27.76
C PRO A 303 -21.72 0.46 -27.71
N SER A 304 -20.85 -0.22 -26.96
CA SER A 304 -20.98 -1.66 -26.71
C SER A 304 -19.99 -2.12 -25.65
N LEU A 305 -20.08 -3.39 -25.25
CA LEU A 305 -19.12 -3.98 -24.31
C LEU A 305 -17.78 -4.26 -25.01
N PRO A 306 -16.68 -3.65 -24.53
CA PRO A 306 -15.41 -3.93 -25.17
C PRO A 306 -15.10 -5.43 -25.27
N GLU A 307 -14.40 -5.81 -26.33
CA GLU A 307 -13.91 -7.15 -26.47
C GLU A 307 -12.87 -7.46 -25.36
N ILE A 308 -12.90 -8.70 -24.89
CA ILE A 308 -12.06 -9.18 -23.81
C ILE A 308 -11.68 -10.62 -24.14
N ASN A 309 -10.47 -11.05 -23.76
CA ASN A 309 -10.22 -12.48 -23.64
C ASN A 309 -9.23 -12.85 -22.57
N ALA A 310 -9.52 -13.95 -21.88
CA ALA A 310 -8.72 -14.42 -20.78
C ALA A 310 -7.31 -14.70 -21.21
N ALA A 311 -6.35 -14.34 -20.35
CA ALA A 311 -4.96 -14.75 -20.49
C ALA A 311 -4.25 -14.73 -19.12
N ASP A 312 -3.01 -15.23 -19.09
CA ASP A 312 -2.16 -15.29 -17.87
C ASP A 312 -2.94 -16.00 -16.76
N ASP A 313 -3.05 -15.41 -15.58
CA ASP A 313 -3.76 -16.12 -14.49
C ASP A 313 -5.29 -16.07 -14.55
N ALA A 314 -5.86 -15.49 -15.60
CA ALA A 314 -7.31 -15.64 -15.87
C ALA A 314 -7.58 -16.78 -16.87
N LYS A 315 -8.42 -17.73 -16.47
CA LYS A 315 -8.83 -18.82 -17.36
C LYS A 315 -10.19 -18.56 -18.03
N ASP A 316 -11.01 -17.71 -17.41
CA ASP A 316 -12.19 -17.18 -18.09
C ASP A 316 -12.28 -15.68 -17.79
N VAL A 317 -13.03 -14.95 -18.60
CA VAL A 317 -13.33 -13.55 -18.34
C VAL A 317 -14.71 -13.24 -18.88
N LYS A 318 -15.49 -12.45 -18.14
CA LYS A 318 -16.85 -12.11 -18.54
C LYS A 318 -17.26 -10.69 -18.11
N TRP A 319 -18.15 -10.07 -18.89
CA TRP A 319 -18.93 -8.90 -18.44
C TRP A 319 -20.13 -9.45 -17.68
N ILE A 320 -20.37 -8.92 -16.49
CA ILE A 320 -21.46 -9.42 -15.64
C ILE A 320 -22.35 -8.28 -15.19
N SER A 321 -23.60 -8.33 -15.64
CA SER A 321 -24.50 -7.25 -15.34
C SER A 321 -24.73 -7.16 -13.84
N LEU A 322 -24.74 -5.92 -13.36
CA LEU A 322 -25.12 -5.58 -12.01
C LEU A 322 -26.55 -6.03 -11.72
N GLY A 323 -26.90 -6.06 -10.43
CA GLY A 323 -28.19 -6.59 -10.01
C GLY A 323 -28.10 -8.10 -9.82
N SER A 324 -28.98 -8.82 -10.50
CA SER A 324 -29.18 -10.23 -10.19
C SER A 324 -27.98 -11.13 -10.49
N ASN A 325 -27.22 -10.82 -11.55
CA ASN A 325 -26.14 -11.72 -11.98
C ASN A 325 -24.91 -11.63 -11.10
N ILE A 326 -24.69 -10.45 -10.52
CA ILE A 326 -23.64 -10.25 -9.53
C ILE A 326 -24.04 -10.88 -8.20
N LYS A 327 -25.16 -10.45 -7.62
CA LYS A 327 -25.66 -11.01 -6.34
C LYS A 327 -25.64 -12.54 -6.36
N ASN A 328 -25.96 -13.08 -7.53
CA ASN A 328 -25.97 -14.49 -7.86
C ASN A 328 -24.63 -15.21 -7.66
N ILE A 329 -23.53 -14.55 -7.97
CA ILE A 329 -22.20 -15.11 -7.69
C ILE A 329 -21.54 -14.46 -6.47
N CYS A 330 -22.36 -13.92 -5.57
CA CYS A 330 -21.82 -13.18 -4.43
C CYS A 330 -20.98 -14.06 -3.50
N ASP A 331 -21.24 -15.37 -3.54
CA ASP A 331 -20.50 -16.36 -2.75
C ASP A 331 -19.64 -17.27 -3.63
N ARG A 332 -19.25 -16.78 -4.81
CA ARG A 332 -18.31 -17.46 -5.69
C ARG A 332 -17.19 -16.49 -6.07
N MET A 333 -16.94 -15.52 -5.20
CA MET A 333 -15.92 -14.48 -5.42
C MET A 333 -14.68 -14.67 -4.55
N LEU A 334 -13.52 -14.26 -5.07
CA LEU A 334 -12.28 -14.29 -4.32
C LEU A 334 -12.34 -13.35 -3.10
N GLU A 335 -11.84 -13.86 -1.98
CA GLU A 335 -11.54 -13.05 -0.78
C GLU A 335 -12.64 -12.03 -0.52
N ASP A 336 -12.29 -10.75 -0.41
CA ASP A 336 -13.24 -9.71 -0.05
C ASP A 336 -13.79 -8.90 -1.25
N HIS A 337 -13.73 -9.48 -2.44
CA HIS A 337 -14.08 -8.74 -3.66
C HIS A 337 -15.51 -8.30 -3.72
N TYR A 338 -16.43 -9.11 -3.17
CA TYR A 338 -17.83 -8.70 -3.11
C TYR A 338 -17.97 -7.40 -2.29
N GLN A 339 -17.23 -7.32 -1.17
CA GLN A 339 -17.17 -6.11 -0.33
C GLN A 339 -16.57 -4.90 -1.07
N ILE A 340 -15.46 -5.14 -1.75
CA ILE A 340 -14.76 -4.14 -2.55
C ILE A 340 -15.69 -3.55 -3.63
N ILE A 341 -16.36 -4.41 -4.39
CA ILE A 341 -17.32 -3.98 -5.39
C ILE A 341 -18.45 -3.12 -4.78
N THR A 342 -19.01 -3.59 -3.67
CA THR A 342 -20.04 -2.86 -2.96
C THR A 342 -19.63 -1.45 -2.57
N ILE A 343 -18.44 -1.35 -1.96
CA ILE A 343 -17.92 -0.09 -1.43
C ILE A 343 -17.56 0.91 -2.51
N LEU A 344 -16.92 0.46 -3.57
CA LEU A 344 -16.53 1.37 -4.63
C LEU A 344 -17.76 1.92 -5.35
N LEU A 345 -18.76 1.07 -5.59
CA LEU A 345 -19.97 1.54 -6.27
C LEU A 345 -20.79 2.52 -5.42
N GLU A 346 -20.66 2.44 -4.10
CA GLU A 346 -21.38 3.34 -3.20
C GLU A 346 -20.64 4.65 -3.02
N GLU A 347 -19.32 4.55 -2.90
CA GLU A 347 -18.50 5.70 -2.54
C GLU A 347 -17.96 6.49 -3.72
N CYS A 348 -17.82 5.84 -4.86
CA CYS A 348 -17.17 6.43 -6.04
C CYS A 348 -17.99 6.20 -7.30
N GLY A 349 -19.13 5.50 -7.17
CA GLY A 349 -19.87 5.01 -8.34
C GLY A 349 -20.97 5.94 -8.85
N LYS A 350 -21.83 5.43 -9.74
CA LYS A 350 -21.91 4.01 -10.09
C LYS A 350 -21.99 3.84 -11.62
N MET B 6 21.52 26.56 -36.82
CA MET B 6 20.34 25.70 -36.61
C MET B 6 19.45 26.30 -35.49
N TYR B 7 19.39 25.69 -34.30
CA TYR B 7 18.48 26.18 -33.23
C TYR B 7 19.01 27.38 -32.49
N ASP B 8 18.11 28.21 -32.04
CA ASP B 8 18.48 29.29 -31.14
C ASP B 8 18.94 28.69 -29.81
N ILE B 9 18.21 27.66 -29.37
CA ILE B 9 18.21 27.16 -28.00
C ILE B 9 18.08 25.64 -27.94
N SER B 10 19.00 25.00 -27.23
CA SER B 10 18.82 23.60 -26.87
C SER B 10 18.63 23.40 -25.35
N VAL B 11 17.76 22.45 -25.02
CA VAL B 11 17.40 22.22 -23.63
C VAL B 11 17.98 20.89 -23.11
N PHE B 12 18.76 20.99 -22.05
CA PHE B 12 19.48 19.85 -21.50
C PHE B 12 19.00 19.61 -20.05
N ILE B 13 18.49 18.43 -19.79
CA ILE B 13 17.99 18.08 -18.46
C ILE B 13 18.79 16.88 -17.95
N GLY B 14 19.26 16.96 -16.71
CA GLY B 14 19.97 15.83 -16.11
C GLY B 14 20.08 15.91 -14.61
N ARG B 15 20.54 14.81 -14.02
CA ARG B 15 20.86 14.75 -12.61
C ARG B 15 22.29 15.19 -12.33
N PHE B 16 23.23 14.74 -13.16
CA PHE B 16 24.64 15.13 -13.05
C PHE B 16 25.19 14.86 -11.62
N GLN B 17 25.04 13.61 -11.19
CA GLN B 17 25.51 13.16 -9.89
C GLN B 17 26.56 12.06 -10.15
N PRO B 18 27.75 12.44 -10.70
CA PRO B 18 28.25 13.75 -11.12
C PRO B 18 28.15 14.04 -12.62
N PHE B 19 28.60 15.23 -13.01
CA PHE B 19 28.85 15.59 -14.41
C PHE B 19 29.96 14.68 -14.92
N HIS B 20 29.81 14.15 -16.12
CA HIS B 20 30.84 13.28 -16.68
C HIS B 20 31.10 13.54 -18.17
N LYS B 21 32.08 12.82 -18.72
CA LYS B 21 32.53 12.96 -20.11
C LYS B 21 31.36 12.85 -21.08
N GLY B 22 30.49 11.88 -20.83
CA GLY B 22 29.26 11.69 -21.59
C GLY B 22 28.43 12.95 -21.69
N HIS B 23 28.21 13.62 -20.56
CA HIS B 23 27.47 14.89 -20.53
C HIS B 23 28.14 15.95 -21.39
N LEU B 24 29.47 16.00 -21.32
CA LEU B 24 30.24 17.02 -22.03
C LEU B 24 30.07 16.97 -23.56
N HIS B 25 30.09 15.76 -24.14
CA HIS B 25 29.95 15.61 -25.59
C HIS B 25 28.54 15.95 -26.09
N ASN B 26 27.54 15.53 -25.32
CA ASN B 26 26.14 15.89 -25.62
C ASN B 26 25.96 17.39 -25.74
N ILE B 27 26.58 18.13 -24.82
CA ILE B 27 26.52 19.59 -24.83
C ILE B 27 27.25 20.15 -26.05
N ILE B 28 28.37 19.51 -26.42
CA ILE B 28 29.14 19.94 -27.60
C ILE B 28 28.33 19.74 -28.89
N ILE B 29 27.75 18.56 -29.07
CA ILE B 29 26.75 18.29 -30.11
C ILE B 29 25.62 19.34 -30.07
N ALA B 30 25.15 19.65 -28.87
CA ALA B 30 24.09 20.65 -28.67
C ALA B 30 24.53 22.04 -29.12
N LEU B 31 25.82 22.33 -28.95
CA LEU B 31 26.35 23.64 -29.28
C LEU B 31 26.68 23.83 -30.77
N GLN B 32 26.68 22.74 -31.53
CA GLN B 32 26.75 22.82 -33.00
C GLN B 32 25.34 22.80 -33.61
N ASN B 33 24.46 22.00 -32.99
CA ASN B 33 23.05 22.00 -33.36
C ASN B 33 22.25 23.21 -32.85
N SER B 34 22.91 24.09 -32.09
CA SER B 34 22.28 25.28 -31.52
C SER B 34 23.25 26.34 -31.01
N LYS B 35 22.71 27.53 -30.72
CA LYS B 35 23.50 28.66 -30.27
C LYS B 35 23.73 28.71 -28.74
N LYS B 36 22.67 28.46 -27.98
CA LYS B 36 22.74 28.50 -26.53
C LYS B 36 22.13 27.23 -25.94
N VAL B 37 22.81 26.66 -24.95
CA VAL B 37 22.28 25.51 -24.19
C VAL B 37 21.75 25.95 -22.80
N ILE B 38 20.54 25.50 -22.48
CA ILE B 38 19.98 25.69 -21.13
C ILE B 38 20.05 24.36 -20.41
N ILE B 39 20.90 24.29 -19.39
CA ILE B 39 21.05 23.09 -18.57
C ILE B 39 20.14 23.17 -17.34
N ASN B 40 19.23 22.20 -17.26
CA ASN B 40 18.31 22.11 -16.14
C ASN B 40 18.75 20.93 -15.29
N ILE B 41 19.19 21.22 -14.05
CA ILE B 41 19.63 20.19 -13.11
C ILE B 41 18.38 19.69 -12.31
N GLY B 42 18.09 18.41 -12.46
CA GLY B 42 17.05 17.74 -11.70
C GLY B 42 17.37 17.44 -10.22
N SER B 43 16.30 17.32 -9.42
CA SER B 43 16.35 16.92 -8.02
C SER B 43 17.26 17.83 -7.23
N CYS B 44 16.86 19.09 -7.13
CA CYS B 44 17.55 20.07 -6.38
C CYS B 44 16.73 20.29 -5.13
N PHE B 45 17.37 20.94 -4.15
CA PHE B 45 16.76 21.35 -2.91
C PHE B 45 16.38 20.21 -1.97
N ASN B 46 17.11 19.11 -2.10
CA ASN B 46 17.06 18.01 -1.16
C ASN B 46 18.35 17.88 -0.36
N THR B 47 18.26 17.17 0.75
CA THR B 47 19.43 16.72 1.45
C THR B 47 20.26 15.73 0.60
N PRO B 48 21.59 15.73 0.82
CA PRO B 48 22.44 14.68 0.27
C PRO B 48 21.94 13.29 0.68
N ASN B 49 21.84 12.41 -0.29
CA ASN B 49 21.63 10.99 -0.07
C ASN B 49 22.53 10.30 -1.10
N ILE B 50 22.66 8.99 -0.98
CA ILE B 50 23.60 8.22 -1.81
C ILE B 50 23.39 8.33 -3.32
N LYS B 51 22.14 8.50 -3.80
CA LYS B 51 21.84 8.69 -5.25
C LYS B 51 21.97 10.14 -5.66
N ASN B 52 21.71 11.05 -4.72
CA ASN B 52 21.89 12.47 -4.96
C ASN B 52 22.87 13.15 -3.99
N PRO B 53 24.18 12.80 -4.10
CA PRO B 53 25.16 13.30 -3.11
C PRO B 53 25.40 14.83 -3.13
N PHE B 54 25.24 15.46 -4.30
CA PHE B 54 25.59 16.90 -4.44
C PHE B 54 24.40 17.87 -4.57
N SER B 55 24.56 19.07 -4.03
CA SER B 55 23.54 20.07 -4.07
C SER B 55 23.50 20.74 -5.45
N PHE B 56 22.51 21.62 -5.66
CA PHE B 56 22.42 22.42 -6.89
C PHE B 56 23.69 23.23 -7.13
N GLU B 57 24.07 24.01 -6.11
CA GLU B 57 25.22 24.93 -6.19
C GLU B 57 26.50 24.19 -6.48
N GLN B 58 26.68 23.04 -5.87
CA GLN B 58 27.87 22.23 -6.09
C GLN B 58 27.91 21.67 -7.51
N ARG B 59 26.75 21.25 -8.02
CA ARG B 59 26.68 20.65 -9.34
C ARG B 59 26.90 21.70 -10.43
N LYS B 60 26.42 22.91 -10.17
CA LYS B 60 26.52 24.02 -11.09
C LYS B 60 28.00 24.37 -11.25
N GLN B 61 28.63 24.62 -10.10
CA GLN B 61 30.06 24.86 -9.98
C GLN B 61 30.86 23.84 -10.76
N MET B 62 30.61 22.58 -10.49
CA MET B 62 31.28 21.49 -11.18
C MET B 62 31.10 21.58 -12.68
N ILE B 63 29.86 21.82 -13.11
CA ILE B 63 29.54 21.93 -14.54
C ILE B 63 30.36 23.06 -15.20
N GLU B 64 30.22 24.28 -14.70
CA GLU B 64 30.99 25.45 -15.14
C GLU B 64 32.51 25.18 -15.24
N SER B 65 33.12 24.75 -14.13
CA SER B 65 34.54 24.47 -14.11
C SER B 65 34.97 23.36 -15.08
N ASP B 66 34.11 22.34 -15.27
CA ASP B 66 34.36 21.34 -16.30
C ASP B 66 34.26 21.92 -17.71
N LEU B 67 33.32 22.86 -17.91
CA LEU B 67 33.14 23.51 -19.21
C LEU B 67 34.33 24.40 -19.61
N GLN B 68 34.82 25.21 -18.67
CA GLN B 68 36.03 26.01 -18.91
C GLN B 68 37.21 25.11 -19.32
N VAL B 69 37.17 23.87 -18.84
CA VAL B 69 38.20 22.86 -19.12
C VAL B 69 37.77 22.01 -20.34
N ALA B 70 37.33 22.69 -21.40
CA ALA B 70 36.69 22.00 -22.54
C ALA B 70 36.83 22.62 -23.95
N GLY B 71 37.10 23.92 -24.11
CA GLY B 71 37.11 24.94 -23.07
C GLY B 71 36.01 25.96 -23.36
N ILE B 72 34.86 25.43 -23.77
CA ILE B 72 33.58 26.13 -24.01
C ILE B 72 33.33 27.50 -23.37
N ASP B 73 32.88 28.44 -24.19
CA ASP B 73 32.42 29.77 -23.76
C ASP B 73 31.23 29.65 -22.83
N LEU B 74 31.20 30.48 -21.79
CA LEU B 74 30.17 30.37 -20.76
C LEU B 74 29.06 31.39 -20.94
N ASP B 75 29.12 32.16 -22.02
CA ASP B 75 27.98 32.99 -22.43
C ASP B 75 27.02 32.10 -23.23
N THR B 76 27.60 31.05 -23.80
CA THR B 76 26.90 30.02 -24.55
C THR B 76 26.01 29.13 -23.64
N VAL B 77 26.31 29.11 -22.33
CA VAL B 77 25.74 28.12 -21.42
C VAL B 77 24.98 28.74 -20.23
N VAL B 78 23.78 28.23 -19.97
CA VAL B 78 22.97 28.72 -18.85
C VAL B 78 22.41 27.56 -17.98
N ILE B 79 22.48 27.74 -16.66
CA ILE B 79 22.14 26.66 -15.71
C ILE B 79 21.01 27.03 -14.76
N GLU B 80 19.98 26.17 -14.71
CA GLU B 80 18.80 26.40 -13.85
C GLU B 80 18.38 25.12 -13.07
N PRO B 81 17.86 25.30 -11.84
CA PRO B 81 17.45 24.18 -10.97
C PRO B 81 16.04 23.68 -11.22
N LEU B 82 15.80 22.39 -10.97
CA LEU B 82 14.45 21.88 -10.86
C LEU B 82 14.30 21.07 -9.57
N ALA B 83 13.16 21.23 -8.90
CA ALA B 83 12.84 20.44 -7.71
C ALA B 83 12.24 19.14 -8.19
N ASP B 84 12.02 18.22 -7.28
CA ASP B 84 11.32 16.96 -7.58
C ASP B 84 9.82 17.21 -7.37
N TYR B 85 9.01 16.64 -8.26
CA TYR B 85 7.56 16.62 -8.09
C TYR B 85 7.08 15.29 -8.60
N PHE B 86 7.43 14.23 -7.89
CA PHE B 86 7.12 12.86 -8.28
C PHE B 86 5.63 12.60 -8.43
N TYR B 87 4.82 13.42 -7.77
CA TYR B 87 3.38 13.14 -7.74
C TYR B 87 2.58 14.25 -8.40
N GLN B 88 3.27 15.30 -8.88
CA GLN B 88 2.61 16.42 -9.55
C GLN B 88 3.40 16.80 -10.80
N GLU B 89 3.40 15.94 -11.82
CA GLU B 89 4.24 16.13 -12.99
C GLU B 89 4.02 17.45 -13.76
N GLN B 90 2.84 18.04 -13.57
CA GLN B 90 2.50 19.23 -14.28
C GLN B 90 3.32 20.36 -13.73
N LYS B 91 3.47 20.38 -12.38
CA LYS B 91 4.36 21.31 -11.70
C LYS B 91 5.77 21.16 -12.21
N TRP B 92 6.23 19.93 -12.34
CA TRP B 92 7.56 19.72 -12.85
C TRP B 92 7.70 20.38 -14.24
N GLN B 93 6.72 20.14 -15.10
CA GLN B 93 6.71 20.65 -16.47
C GLN B 93 6.62 22.17 -16.53
N ASP B 94 5.77 22.75 -15.67
CA ASP B 94 5.69 24.21 -15.53
C ASP B 94 6.99 24.89 -15.07
N GLU B 95 7.80 24.21 -14.26
CA GLU B 95 9.06 24.80 -13.81
C GLU B 95 10.10 24.66 -14.88
N LEU B 96 10.11 23.53 -15.58
CA LEU B 96 11.00 23.43 -16.76
C LEU B 96 10.70 24.54 -17.78
N ARG B 97 9.43 24.67 -18.16
CA ARG B 97 8.96 25.74 -19.06
C ARG B 97 9.28 27.15 -18.52
N LYS B 98 9.09 27.37 -17.21
CA LYS B 98 9.61 28.56 -16.53
C LYS B 98 11.08 28.79 -16.81
N ASN B 99 11.89 27.77 -16.52
CA ASN B 99 13.33 27.86 -16.77
C ASN B 99 13.67 28.27 -18.23
N VAL B 100 13.04 27.60 -19.19
CA VAL B 100 13.31 27.84 -20.60
C VAL B 100 12.79 29.23 -21.05
N TYR B 101 11.56 29.55 -20.70
CA TYR B 101 10.98 30.86 -21.00
C TYR B 101 11.80 32.05 -20.52
N LYS B 102 12.50 31.88 -19.40
CA LYS B 102 13.39 32.90 -18.86
C LYS B 102 14.48 33.30 -19.86
N HIS B 103 14.95 32.33 -20.64
CA HIS B 103 16.06 32.51 -21.58
C HIS B 103 15.68 32.50 -23.06
N ALA B 104 14.39 32.34 -23.37
CA ALA B 104 13.92 32.09 -24.74
C ALA B 104 12.45 32.53 -24.92
N LYS B 105 12.27 33.81 -25.21
CA LYS B 105 10.95 34.43 -25.41
C LYS B 105 10.95 35.52 -26.53
N ASN B 106 11.82 35.36 -27.54
CA ASN B 106 11.92 36.32 -28.66
C ASN B 106 11.90 35.56 -29.99
N ASN B 107 10.73 35.01 -30.32
CA ASN B 107 10.65 33.65 -30.88
C ASN B 107 11.92 32.96 -31.40
N ASN B 108 12.54 32.29 -30.45
CA ASN B 108 13.69 31.47 -30.66
C ASN B 108 13.22 30.08 -31.07
N SER B 109 14.03 29.41 -31.87
CA SER B 109 13.84 27.99 -32.09
C SER B 109 14.34 27.23 -30.83
N ILE B 110 13.54 26.29 -30.32
CA ILE B 110 13.91 25.48 -29.15
C ILE B 110 13.87 23.97 -29.38
N ALA B 111 14.98 23.28 -29.10
CA ALA B 111 15.00 21.81 -29.07
C ALA B 111 15.47 21.21 -27.73
N ILE B 112 14.80 20.14 -27.30
CA ILE B 112 15.29 19.30 -26.22
C ILE B 112 16.26 18.30 -26.78
N VAL B 113 17.46 18.26 -26.22
CA VAL B 113 18.48 17.28 -26.55
C VAL B 113 18.49 16.18 -25.48
N GLY B 114 18.04 14.98 -25.86
CA GLY B 114 17.81 13.90 -24.91
C GLY B 114 18.88 12.83 -24.88
N HIS B 115 19.68 12.84 -23.81
CA HIS B 115 20.77 11.87 -23.57
C HIS B 115 20.38 10.66 -22.70
N ILE B 116 19.21 10.75 -22.05
CA ILE B 116 18.63 9.62 -21.33
C ILE B 116 17.56 8.95 -22.22
N LYS B 117 17.49 7.63 -22.14
CA LYS B 117 16.72 6.85 -23.11
C LYS B 117 15.25 6.67 -22.71
N ASP B 118 15.01 6.38 -21.43
CA ASP B 118 13.66 6.14 -20.91
C ASP B 118 12.87 7.45 -20.76
N SER B 119 13.60 8.56 -20.62
CA SER B 119 12.98 9.86 -20.48
C SER B 119 12.55 10.46 -21.83
N SER B 120 13.10 9.93 -22.93
CA SER B 120 12.89 10.49 -24.26
C SER B 120 11.40 10.63 -24.66
N SER B 121 10.63 9.56 -24.45
CA SER B 121 9.19 9.53 -24.76
C SER B 121 8.43 10.57 -23.93
N TYR B 122 8.70 10.58 -22.63
CA TYR B 122 8.13 11.56 -21.72
C TYR B 122 8.31 12.99 -22.23
N TYR B 123 9.54 13.35 -22.62
CA TYR B 123 9.84 14.67 -23.16
C TYR B 123 9.12 14.96 -24.46
N ILE B 124 9.09 13.96 -25.35
CA ILE B 124 8.34 14.06 -26.61
C ILE B 124 6.83 14.31 -26.36
N ARG B 125 6.27 13.64 -25.37
CA ARG B 125 4.84 13.82 -25.07
C ARG B 125 4.59 15.10 -24.29
N SER B 126 5.52 15.46 -23.41
CA SER B 126 5.32 16.58 -22.48
C SER B 126 5.56 17.95 -23.11
N PHE B 127 6.52 18.02 -24.02
CA PHE B 127 6.93 19.31 -24.62
C PHE B 127 6.93 19.35 -26.18
N PRO B 128 5.73 19.19 -26.81
CA PRO B 128 5.60 19.25 -28.28
C PRO B 128 5.86 20.64 -28.90
N GLU B 129 5.80 21.71 -28.11
CA GLU B 129 6.24 23.03 -28.56
C GLU B 129 7.72 23.01 -29.00
N TRP B 130 8.48 22.02 -28.54
CA TRP B 130 9.91 21.96 -28.80
C TRP B 130 10.26 20.73 -29.61
N ASP B 131 11.30 20.85 -30.41
CA ASP B 131 11.87 19.70 -31.10
C ASP B 131 12.66 18.78 -30.16
N TYR B 132 12.79 17.51 -30.51
CA TYR B 132 13.54 16.58 -29.69
C TYR B 132 14.67 15.95 -30.48
N ILE B 133 15.89 16.14 -29.99
CA ILE B 133 17.06 15.58 -30.63
C ILE B 133 17.59 14.45 -29.76
N GLY B 134 17.55 13.24 -30.30
CA GLY B 134 18.00 12.06 -29.57
C GLY B 134 19.48 11.85 -29.74
N VAL B 135 20.16 11.63 -28.63
CA VAL B 135 21.58 11.31 -28.66
C VAL B 135 21.87 9.96 -27.97
N ASP B 136 22.06 8.91 -28.77
CA ASP B 136 22.55 7.63 -28.25
C ASP B 136 24.06 7.73 -28.03
N ASN B 137 24.44 7.84 -26.75
CA ASN B 137 25.81 8.12 -26.34
C ASN B 137 26.81 7.02 -26.73
N TYR B 138 28.09 7.31 -26.54
CA TYR B 138 29.18 6.35 -26.85
C TYR B 138 29.14 5.10 -25.96
N LYS B 139 30.04 5.03 -24.97
CA LYS B 139 30.03 3.94 -23.98
C LYS B 139 29.03 4.22 -22.86
N ASN B 140 28.81 3.21 -22.02
CA ASN B 140 27.90 3.35 -20.88
C ASN B 140 28.59 3.94 -19.65
N PHE B 141 28.47 5.26 -19.51
CA PHE B 141 28.90 5.94 -18.29
C PHE B 141 27.79 5.84 -17.23
N ASN B 142 27.87 4.78 -16.42
CA ASN B 142 26.89 4.45 -15.39
C ASN B 142 27.09 5.27 -14.11
N ALA B 143 26.05 6.03 -13.75
CA ALA B 143 26.10 6.96 -12.61
C ALA B 143 26.15 6.23 -11.28
N THR B 144 25.35 5.16 -11.17
CA THR B 144 25.35 4.26 -10.03
C THR B 144 26.71 3.62 -9.79
N GLU B 145 27.28 3.00 -10.83
CA GLU B 145 28.60 2.33 -10.71
C GLU B 145 29.66 3.33 -10.28
N PHE B 146 29.63 4.52 -10.87
CA PHE B 146 30.59 5.55 -10.54
C PHE B 146 30.50 5.92 -9.07
N ARG B 147 29.27 6.07 -8.59
CA ARG B 147 28.99 6.51 -7.22
C ARG B 147 29.41 5.44 -6.23
N GLN B 148 29.17 4.18 -6.57
CA GLN B 148 29.52 3.06 -5.71
C GLN B 148 31.02 2.90 -5.57
N LYS B 149 31.75 3.07 -6.67
CA LYS B 149 33.20 3.06 -6.64
C LYS B 149 33.65 4.24 -5.80
N PHE B 150 33.05 5.40 -6.09
CA PHE B 150 33.25 6.62 -5.31
C PHE B 150 33.08 6.48 -3.79
N TYR B 151 32.05 5.76 -3.35
CA TYR B 151 31.86 5.54 -1.92
C TYR B 151 32.84 4.52 -1.36
N ASN B 152 33.58 3.87 -2.26
CA ASN B 152 34.66 2.95 -1.91
C ASN B 152 36.05 3.56 -2.11
N GLY B 153 36.12 4.89 -2.16
CA GLY B 153 37.38 5.61 -2.27
C GLY B 153 37.91 5.81 -3.68
N ILE B 154 37.12 5.47 -4.70
CA ILE B 154 37.63 5.53 -6.07
C ILE B 154 36.87 6.52 -6.95
N ILE B 155 37.60 7.51 -7.48
CA ILE B 155 37.08 8.32 -8.57
C ILE B 155 37.43 7.57 -9.87
N SER B 156 36.42 7.29 -10.71
CA SER B 156 36.71 6.76 -12.04
C SER B 156 37.24 7.86 -12.99
N LYS B 157 38.50 7.68 -13.39
CA LYS B 157 39.27 8.66 -14.17
C LYS B 157 38.67 8.87 -15.57
N GLN B 158 38.05 7.82 -16.12
CA GLN B 158 37.48 7.85 -17.47
C GLN B 158 36.22 8.71 -17.58
N TYR B 159 35.49 8.84 -16.47
CA TYR B 159 34.27 9.65 -16.43
C TYR B 159 34.63 11.13 -16.41
N MET B 160 35.72 11.45 -15.74
CA MET B 160 36.12 12.83 -15.53
C MET B 160 36.45 13.56 -16.82
N CYS B 161 36.17 14.85 -16.82
CA CYS B 161 36.52 15.69 -17.95
C CYS B 161 38.00 16.03 -17.81
N SER B 162 38.32 16.74 -16.72
CA SER B 162 39.70 17.06 -16.35
C SER B 162 40.57 15.81 -16.14
N ASN B 163 41.84 15.92 -16.47
CA ASN B 163 42.83 14.87 -16.15
C ASN B 163 43.64 15.30 -14.93
N ASP B 164 43.49 16.56 -14.56
CA ASP B 164 44.21 17.15 -13.44
C ASP B 164 43.29 17.35 -12.21
N PRO B 165 43.65 16.70 -11.08
CA PRO B 165 42.91 16.76 -9.81
C PRO B 165 42.86 18.14 -9.13
N LYS B 166 43.43 19.15 -9.78
CA LYS B 166 43.34 20.54 -9.28
C LYS B 166 42.33 21.33 -10.12
N LEU B 167 41.78 20.66 -11.15
CA LEU B 167 40.74 21.26 -12.01
C LEU B 167 39.48 20.39 -12.15
N GLY B 168 38.37 21.05 -12.43
CA GLY B 168 37.12 20.38 -12.82
C GLY B 168 36.31 19.79 -11.68
N THR B 169 35.53 18.75 -11.98
CA THR B 169 34.80 18.04 -10.94
C THR B 169 35.74 17.08 -10.22
N TYR B 170 36.84 16.71 -10.89
CA TYR B 170 37.91 15.88 -10.35
C TYR B 170 38.44 16.52 -9.08
N ASN B 171 38.74 17.81 -9.18
CA ASN B 171 39.18 18.58 -8.03
C ASN B 171 38.13 18.60 -6.95
N PHE B 172 36.91 18.97 -7.35
CA PHE B 172 35.76 18.99 -6.43
C PHE B 172 35.57 17.65 -5.68
N LEU B 173 35.50 16.55 -6.43
CA LEU B 173 35.33 15.23 -5.87
C LEU B 173 36.49 14.81 -4.97
N THR B 174 37.73 15.04 -5.43
CA THR B 174 38.95 14.78 -4.64
C THR B 174 38.84 15.46 -3.29
N LYS B 175 38.50 16.75 -3.31
CA LYS B 175 38.34 17.52 -2.08
C LYS B 175 37.15 17.04 -1.22
N PHE B 176 36.09 16.57 -1.89
CA PHE B 176 34.82 16.18 -1.27
C PHE B 176 35.06 14.99 -0.38
N MET B 177 35.95 14.08 -0.80
CA MET B 177 36.28 12.90 -0.01
C MET B 177 36.82 13.18 1.41
N ASP B 178 37.28 14.40 1.68
CA ASP B 178 37.76 14.77 3.02
C ASP B 178 36.69 15.35 3.94
N THR B 179 35.47 15.52 3.40
CA THR B 179 34.40 16.20 4.10
C THR B 179 33.58 15.27 4.98
N GLN B 180 32.91 15.84 5.97
CA GLN B 180 31.94 15.10 6.76
C GLN B 180 30.76 14.54 5.93
N VAL B 181 30.26 15.32 4.95
CA VAL B 181 29.17 14.86 4.09
C VAL B 181 29.53 13.55 3.38
N TYR B 182 30.73 13.48 2.81
CA TYR B 182 31.26 12.21 2.25
C TYR B 182 31.18 10.99 3.21
N GLN B 183 31.56 11.19 4.46
CA GLN B 183 31.52 10.12 5.46
C GLN B 183 30.08 9.70 5.78
N ASP B 184 29.19 10.68 5.91
CA ASP B 184 27.76 10.43 6.07
C ASP B 184 27.24 9.55 4.94
N LEU B 185 27.61 9.85 3.70
CA LEU B 185 27.11 9.10 2.54
C LEU B 185 27.63 7.66 2.50
N VAL B 186 28.94 7.52 2.74
CA VAL B 186 29.59 6.21 2.80
C VAL B 186 28.84 5.39 3.83
N ALA B 187 28.63 5.98 5.01
CA ALA B 187 27.87 5.34 6.10
C ALA B 187 26.42 4.95 5.70
N GLU B 188 25.71 5.87 5.06
CA GLU B 188 24.38 5.55 4.51
C GLU B 188 24.48 4.40 3.49
N ASN B 189 25.46 4.47 2.60
CA ASN B 189 25.67 3.41 1.58
C ASN B 189 25.94 1.98 2.12
N ASN B 190 26.72 1.90 3.20
CA ASN B 190 27.08 0.63 3.81
C ASN B 190 25.87 0.00 4.46
N TYR B 191 25.10 0.82 5.18
CA TYR B 191 23.81 0.43 5.72
C TYR B 191 22.86 -0.16 4.64
N VAL B 192 22.76 0.51 3.50
CA VAL B 192 21.87 0.07 2.44
C VAL B 192 22.36 -1.26 1.88
N ILE B 193 23.66 -1.37 1.64
CA ILE B 193 24.23 -2.59 1.07
C ILE B 193 23.94 -3.74 2.02
N GLU B 194 24.16 -3.50 3.30
CA GLU B 194 23.95 -4.56 4.29
C GLU B 194 22.45 -4.83 4.46
N TYR B 195 21.63 -3.79 4.28
CA TYR B 195 20.21 -3.92 4.37
C TYR B 195 19.67 -4.82 3.26
N LYS B 196 20.08 -4.52 2.03
CA LYS B 196 19.71 -5.33 0.88
C LYS B 196 20.19 -6.75 1.03
N ARG B 197 21.30 -6.93 1.75
CA ARG B 197 21.93 -8.23 1.90
C ARG B 197 20.92 -9.19 2.49
N LEU B 198 20.47 -8.90 3.70
CA LEU B 198 19.33 -9.58 4.29
C LEU B 198 18.25 -9.91 3.24
N TRP B 199 17.86 -8.92 2.44
CA TRP B 199 16.59 -9.02 1.71
C TRP B 199 16.50 -9.83 0.42
N LEU B 200 17.65 -10.12 -0.19
CA LEU B 200 17.73 -11.11 -1.25
C LEU B 200 17.40 -12.52 -0.71
N LYS B 201 17.28 -12.65 0.63
CA LYS B 201 17.01 -13.93 1.31
C LYS B 201 15.62 -14.55 1.04
N ALA B 202 15.07 -14.26 -0.14
CA ALA B 202 13.64 -14.29 -0.29
C ALA B 202 13.12 -14.26 -1.73
N PRO B 203 12.02 -15.00 -1.95
CA PRO B 203 11.47 -15.40 -3.24
C PRO B 203 11.24 -14.31 -4.31
N PHE B 204 10.92 -13.08 -3.87
CA PHE B 204 10.52 -12.00 -4.75
C PHE B 204 10.98 -10.67 -4.17
N LYS B 205 11.30 -9.70 -5.02
CA LYS B 205 11.63 -8.31 -4.60
C LYS B 205 10.47 -7.71 -3.80
N PRO B 206 10.71 -7.44 -2.52
CA PRO B 206 9.57 -7.07 -1.69
C PRO B 206 9.39 -5.55 -1.62
N ASN B 207 8.28 -5.06 -2.14
CA ASN B 207 7.74 -3.75 -1.76
C ASN B 207 7.61 -3.64 -0.22
N PHE B 208 8.14 -2.58 0.34
CA PHE B 208 7.95 -2.28 1.73
C PHE B 208 6.76 -1.33 1.88
N VAL B 209 6.03 -1.51 2.99
CA VAL B 209 4.86 -0.69 3.34
C VAL B 209 5.11 0.04 4.67
N THR B 210 5.07 1.36 4.60
CA THR B 210 5.29 2.19 5.75
C THR B 210 4.06 3.09 5.90
N VAL B 211 4.00 3.78 7.04
CA VAL B 211 2.99 4.79 7.37
C VAL B 211 3.71 6.00 7.91
N ASP B 212 3.09 7.17 7.79
CA ASP B 212 3.55 8.42 8.37
C ASP B 212 2.30 9.20 8.84
N ALA B 213 2.51 10.16 9.72
CA ALA B 213 1.42 10.99 10.22
C ALA B 213 1.86 12.41 10.06
N LEU B 214 0.98 13.18 9.44
CA LEU B 214 1.13 14.61 9.36
C LEU B 214 0.16 15.27 10.35
N VAL B 215 0.66 15.77 11.47
CA VAL B 215 -0.17 16.35 12.51
C VAL B 215 0.11 17.84 12.56
N ILE B 216 -0.94 18.65 12.37
CA ILE B 216 -0.86 20.10 12.37
C ILE B 216 -1.65 20.61 13.57
N VAL B 217 -1.04 21.43 14.40
CA VAL B 217 -1.73 22.06 15.52
C VAL B 217 -1.32 23.51 15.53
N ASN B 218 -2.30 24.43 15.65
CA ASN B 218 -2.00 25.88 15.62
C ASN B 218 -1.00 26.24 14.53
N ASP B 219 -1.25 25.78 13.29
CA ASP B 219 -0.34 26.00 12.15
C ASP B 219 1.11 25.54 12.36
N HIS B 220 1.32 24.53 13.19
CA HIS B 220 2.66 23.91 13.34
C HIS B 220 2.51 22.47 12.90
N ILE B 221 3.54 21.94 12.26
CA ILE B 221 3.65 20.54 11.83
C ILE B 221 4.57 19.81 12.82
N LEU B 222 4.19 18.59 13.21
CA LEU B 222 5.00 17.78 14.08
C LEU B 222 6.10 17.00 13.27
N MET B 223 7.36 17.23 13.57
CA MET B 223 8.38 16.50 12.85
C MET B 223 9.40 15.85 13.78
N VAL B 224 9.99 14.79 13.26
CA VAL B 224 10.91 13.95 13.99
C VAL B 224 12.28 14.12 13.32
N GLN B 225 13.35 14.17 14.12
CA GLN B 225 14.67 14.06 13.53
C GLN B 225 15.15 12.62 13.70
N ARG B 226 15.76 12.11 12.65
CA ARG B 226 15.99 10.68 12.52
C ARG B 226 17.27 10.20 13.19
N LYS B 227 17.10 9.17 14.03
CA LYS B 227 18.21 8.57 14.76
C LYS B 227 19.01 7.62 13.87
N ALA B 228 18.37 7.06 12.84
CA ALA B 228 18.89 5.92 12.13
C ALA B 228 18.86 6.15 10.62
N HIS B 229 19.59 5.29 9.89
CA HIS B 229 19.55 5.22 8.43
C HIS B 229 18.24 4.64 7.97
N PRO B 230 17.81 5.01 6.75
CA PRO B 230 18.40 6.09 5.92
C PRO B 230 17.94 7.48 6.36
N GLY B 231 18.62 8.52 5.88
CA GLY B 231 18.33 9.92 6.25
C GLY B 231 18.60 10.28 7.69
N LYS B 232 19.66 9.72 8.25
CA LYS B 232 20.07 9.95 9.64
C LYS B 232 20.18 11.44 9.80
N ASP B 233 19.64 11.96 10.90
CA ASP B 233 19.69 13.39 11.24
C ASP B 233 18.78 14.33 10.40
N LEU B 234 18.04 13.76 9.45
CA LEU B 234 17.12 14.57 8.65
C LEU B 234 15.82 14.71 9.41
N TRP B 235 15.05 15.72 9.05
CA TRP B 235 13.71 15.89 9.60
C TRP B 235 12.66 15.08 8.79
N ALA B 236 11.69 14.51 9.49
CA ALA B 236 10.73 13.65 8.85
C ALA B 236 9.43 13.65 9.65
N LEU B 237 8.34 13.35 8.94
CA LEU B 237 7.08 12.95 9.57
C LEU B 237 7.31 11.70 10.44
N PRO B 238 6.66 11.67 11.61
CA PRO B 238 6.76 10.46 12.40
C PRO B 238 6.12 9.32 11.66
N GLY B 239 6.81 8.19 11.62
CA GLY B 239 6.27 7.02 10.90
C GLY B 239 7.30 5.91 10.83
N GLY B 240 6.90 4.78 10.26
CA GLY B 240 7.75 3.61 10.11
C GLY B 240 6.93 2.48 9.52
N PHE B 241 7.40 1.24 9.74
CA PHE B 241 6.90 0.07 9.03
C PHE B 241 5.55 -0.37 9.53
N LEU B 242 4.67 -0.72 8.60
CA LEU B 242 3.41 -1.36 8.92
C LEU B 242 3.62 -2.80 9.44
N GLU B 243 2.97 -3.14 10.54
CA GLU B 243 3.01 -4.50 11.09
C GLU B 243 1.87 -5.36 10.49
N CYS B 244 2.15 -6.67 10.41
CA CYS B 244 1.28 -7.61 9.70
C CYS B 244 -0.07 -7.80 10.34
N ASP B 245 -0.22 -7.37 11.58
CA ASP B 245 -1.46 -7.66 12.27
C ASP B 245 -2.26 -6.42 12.67
N GLU B 246 -1.95 -5.28 12.06
CA GLU B 246 -2.67 -4.04 12.35
C GLU B 246 -3.13 -3.45 11.02
N THR B 247 -4.21 -2.68 11.05
CA THR B 247 -4.60 -1.93 9.86
C THR B 247 -3.63 -0.74 9.66
N ILE B 248 -3.62 -0.19 8.45
CA ILE B 248 -2.82 1.02 8.18
C ILE B 248 -3.16 2.17 9.13
N ALA B 249 -4.47 2.39 9.35
CA ALA B 249 -4.93 3.49 10.22
C ALA B 249 -4.42 3.29 11.64
N GLN B 250 -4.43 2.05 12.11
CA GLN B 250 -3.81 1.70 13.41
C GLN B 250 -2.32 2.01 13.50
N ALA B 251 -1.59 1.62 12.46
CA ALA B 251 -0.12 1.78 12.40
C ALA B 251 0.31 3.22 12.41
N ILE B 252 -0.44 4.06 11.68
CA ILE B 252 -0.14 5.50 11.58
C ILE B 252 -0.07 6.09 13.02
N ILE B 253 -1.04 5.73 13.85
CA ILE B 253 -1.20 6.26 15.20
C ILE B 253 -0.13 5.62 16.09
N ARG B 254 0.16 4.34 15.89
CA ARG B 254 1.13 3.62 16.70
C ARG B 254 2.53 4.21 16.54
N GLU B 255 2.96 4.43 15.30
CA GLU B 255 4.28 5.03 15.05
C GLU B 255 4.32 6.44 15.57
N LEU B 256 3.24 7.17 15.32
CA LEU B 256 3.18 8.52 15.87
C LEU B 256 3.40 8.53 17.42
N PHE B 257 2.71 7.68 18.17
CA PHE B 257 2.87 7.65 19.63
C PHE B 257 4.25 7.14 20.05
N GLU B 258 4.72 6.03 19.45
CA GLU B 258 6.07 5.51 19.70
C GLU B 258 7.18 6.51 19.46
N GLU B 259 7.07 7.34 18.43
CA GLU B 259 8.18 8.23 18.10
C GLU B 259 8.12 9.62 18.77
N THR B 260 6.91 10.09 19.10
CA THR B 260 6.78 11.46 19.59
C THR B 260 6.13 11.54 20.96
N ASN B 261 5.49 10.45 21.39
CA ASN B 261 4.79 10.49 22.68
C ASN B 261 3.82 11.66 22.78
N ILE B 262 3.23 12.03 21.64
CA ILE B 262 2.39 13.21 21.58
C ILE B 262 1.26 13.10 22.59
N ASN B 263 1.08 14.16 23.38
CA ASN B 263 0.08 14.18 24.43
C ASN B 263 -1.36 14.46 23.93
N LEU B 264 -1.94 13.49 23.22
CA LEU B 264 -3.31 13.56 22.74
C LEU B 264 -3.78 12.15 22.80
N THR B 265 -5.09 11.93 22.93
CA THR B 265 -5.58 10.56 22.96
C THR B 265 -5.84 10.02 21.54
N HIS B 266 -6.08 8.72 21.45
CA HIS B 266 -6.45 8.05 20.20
C HIS B 266 -7.71 8.67 19.60
N GLU B 267 -8.72 8.90 20.45
CA GLU B 267 -9.99 9.53 20.02
C GLU B 267 -9.84 10.96 19.50
N GLN B 268 -9.05 11.78 20.19
CA GLN B 268 -8.73 13.13 19.70
C GLN B 268 -8.09 13.07 18.29
N LEU B 269 -7.22 12.09 18.07
CA LEU B 269 -6.57 11.97 16.78
C LEU B 269 -7.53 11.45 15.73
N ALA B 270 -8.37 10.50 16.11
CA ALA B 270 -9.41 10.01 15.19
C ALA B 270 -10.39 11.13 14.77
N ILE B 271 -10.76 12.02 15.69
CA ILE B 271 -11.62 13.16 15.32
C ILE B 271 -10.88 14.17 14.42
N ALA B 272 -9.61 14.42 14.72
CA ALA B 272 -8.76 15.31 13.90
C ALA B 272 -8.44 14.79 12.47
N LYS B 273 -8.63 13.50 12.22
CA LYS B 273 -8.16 12.88 10.96
C LYS B 273 -8.96 13.35 9.75
N ARG B 274 -8.23 13.88 8.76
CA ARG B 274 -8.80 14.49 7.56
C ARG B 274 -8.83 13.52 6.37
N CYS B 275 -7.73 12.78 6.19
CA CYS B 275 -7.58 11.86 5.07
C CYS B 275 -6.27 11.04 5.25
N GLU B 276 -6.07 10.15 4.29
CA GLU B 276 -4.93 9.28 4.22
C GLU B 276 -4.57 9.20 2.73
N LYS B 277 -3.35 9.55 2.36
CA LYS B 277 -2.90 9.39 0.95
C LYS B 277 -1.71 8.45 0.83
N VAL B 278 -1.59 7.84 -0.36
CA VAL B 278 -0.58 6.86 -0.71
C VAL B 278 0.54 7.52 -1.55
N PHE B 279 1.79 7.26 -1.20
CA PHE B 279 2.90 7.80 -1.97
C PHE B 279 3.75 6.64 -2.36
N ASP B 280 3.90 6.46 -3.67
CA ASP B 280 4.34 5.22 -4.26
C ASP B 280 5.34 5.44 -5.41
N TYR B 281 5.95 6.63 -5.49
CA TYR B 281 7.08 6.81 -6.40
C TYR B 281 8.16 5.69 -6.16
N PRO B 282 8.45 4.89 -7.20
CA PRO B 282 9.35 3.72 -7.05
C PRO B 282 10.74 3.98 -6.44
N ASP B 283 11.37 5.11 -6.74
CA ASP B 283 12.67 5.41 -6.14
C ASP B 283 12.64 6.42 -5.00
N ARG B 284 11.49 6.63 -4.35
CA ARG B 284 11.44 7.56 -3.20
C ARG B 284 12.42 7.22 -2.06
N SER B 285 12.67 5.94 -1.79
CA SER B 285 13.57 5.57 -0.72
C SER B 285 14.74 4.73 -1.24
N VAL B 286 15.95 4.95 -0.70
CA VAL B 286 17.16 4.15 -1.09
C VAL B 286 17.20 2.67 -0.60
N ARG B 287 16.39 2.34 0.40
CA ARG B 287 16.36 1.01 1.01
C ARG B 287 15.84 -0.10 0.05
N GLY B 288 15.02 0.29 -0.92
CA GLY B 288 14.24 -0.64 -1.74
C GLY B 288 12.90 0.06 -1.93
N ARG B 289 11.96 -0.61 -2.60
CA ARG B 289 10.72 0.02 -2.96
C ARG B 289 9.77 0.08 -1.78
N THR B 290 9.49 1.32 -1.36
CA THR B 290 8.75 1.63 -0.14
C THR B 290 7.57 2.54 -0.51
N ILE B 291 6.39 2.07 -0.20
CA ILE B 291 5.15 2.79 -0.40
C ILE B 291 4.74 3.25 0.97
N SER B 292 4.47 4.54 1.10
CA SER B 292 3.97 5.06 2.38
C SER B 292 2.52 5.52 2.33
N HIS B 293 1.72 5.16 3.34
CA HIS B 293 0.40 5.74 3.54
C HIS B 293 0.47 6.77 4.68
N VAL B 294 0.04 7.99 4.39
CA VAL B 294 0.24 9.12 5.29
C VAL B 294 -1.14 9.66 5.67
N GLY B 295 -1.41 9.70 6.97
CA GLY B 295 -2.64 10.28 7.49
C GLY B 295 -2.40 11.74 7.84
N LEU B 296 -3.41 12.57 7.56
CA LEU B 296 -3.37 13.99 7.87
C LEU B 296 -4.28 14.19 9.08
N PHE B 297 -3.77 14.86 10.12
CA PHE B 297 -4.55 15.18 11.33
C PHE B 297 -4.42 16.69 11.56
N VAL B 298 -5.54 17.39 11.66
CA VAL B 298 -5.53 18.86 11.78
C VAL B 298 -6.32 19.27 13.02
N PHE B 299 -5.66 20.02 13.89
CA PHE B 299 -6.29 20.75 15.00
C PHE B 299 -6.14 22.23 14.68
N ASP B 300 -7.22 22.87 14.18
CA ASP B 300 -7.14 24.25 13.71
C ASP B 300 -6.58 25.09 14.83
N GLN B 301 -7.04 24.82 16.04
CA GLN B 301 -6.47 25.47 17.20
C GLN B 301 -6.47 24.54 18.38
N TRP B 302 -5.57 24.80 19.34
CA TRP B 302 -5.49 24.04 20.62
C TRP B 302 -4.97 25.04 21.65
N PRO B 303 -5.27 24.85 22.93
CA PRO B 303 -4.77 25.81 23.93
C PRO B 303 -3.25 25.99 23.93
N SER B 304 -2.51 24.97 23.55
CA SER B 304 -1.07 25.07 23.48
C SER B 304 -0.64 23.95 22.55
N LEU B 305 0.64 23.91 22.20
CA LEU B 305 1.20 22.81 21.43
C LEU B 305 1.32 21.61 22.36
N PRO B 306 0.71 20.47 21.99
CA PRO B 306 0.81 19.29 22.85
C PRO B 306 2.28 18.92 23.18
N GLU B 307 2.46 18.45 24.40
CA GLU B 307 3.73 17.88 24.85
C GLU B 307 4.17 16.75 23.93
N ILE B 308 5.47 16.74 23.63
CA ILE B 308 6.07 15.74 22.76
C ILE B 308 7.41 15.33 23.39
N ASN B 309 7.75 14.06 23.26
CA ASN B 309 8.99 13.54 23.81
C ASN B 309 9.54 12.48 22.85
N ALA B 310 10.73 12.71 22.31
CA ALA B 310 11.28 11.82 21.26
C ALA B 310 11.59 10.44 21.84
N ALA B 311 11.29 9.36 21.11
CA ALA B 311 11.64 7.99 21.55
C ALA B 311 11.89 7.11 20.36
N ASP B 312 12.42 5.90 20.64
CA ASP B 312 12.66 4.88 19.61
C ASP B 312 13.54 5.45 18.49
N ASP B 313 13.11 5.35 17.24
CA ASP B 313 14.00 5.78 16.14
C ASP B 313 14.00 7.30 15.88
N ALA B 314 13.32 8.07 16.74
CA ALA B 314 13.42 9.52 16.67
C ALA B 314 14.41 10.04 17.73
N LYS B 315 15.38 10.88 17.34
CA LYS B 315 16.34 11.42 18.31
C LYS B 315 15.96 12.80 18.81
N ASP B 316 15.12 13.50 18.05
CA ASP B 316 14.56 14.76 18.51
C ASP B 316 13.16 14.82 17.91
N VAL B 317 12.31 15.71 18.43
CA VAL B 317 10.96 15.92 17.91
C VAL B 317 10.63 17.39 18.12
N LYS B 318 9.94 18.01 17.16
CA LYS B 318 9.61 19.44 17.19
C LYS B 318 8.33 19.82 16.45
N TRP B 319 7.64 20.80 17.02
CA TRP B 319 6.56 21.53 16.35
C TRP B 319 7.21 22.65 15.53
N ILE B 320 7.07 22.59 14.21
CA ILE B 320 7.69 23.59 13.31
C ILE B 320 6.59 24.34 12.59
N SER B 321 6.62 25.67 12.64
CA SER B 321 5.51 26.46 12.10
C SER B 321 5.51 26.52 10.58
N LEU B 322 4.30 26.46 10.03
CA LEU B 322 4.11 26.57 8.58
C LEU B 322 4.67 27.87 8.06
N GLY B 323 5.02 27.87 6.77
CA GLY B 323 5.62 29.04 6.14
C GLY B 323 7.14 28.95 6.17
N SER B 324 7.76 29.93 6.81
CA SER B 324 9.18 30.14 6.62
C SER B 324 10.03 29.13 7.38
N ASN B 325 9.58 28.72 8.57
CA ASN B 325 10.31 27.72 9.34
C ASN B 325 10.36 26.33 8.65
N ILE B 326 9.25 25.95 8.02
CA ILE B 326 9.20 24.75 7.19
C ILE B 326 10.06 24.89 5.90
N LYS B 327 9.97 26.04 5.23
CA LYS B 327 10.70 26.27 3.97
C LYS B 327 12.21 26.27 4.17
N ASN B 328 12.66 26.77 5.32
CA ASN B 328 14.07 26.81 5.68
C ASN B 328 14.68 25.42 5.98
N ILE B 329 13.83 24.44 6.32
CA ILE B 329 14.33 23.06 6.39
C ILE B 329 13.90 22.19 5.25
N CYS B 330 13.44 22.79 4.15
CA CYS B 330 12.98 22.01 2.96
C CYS B 330 14.04 21.09 2.37
N ASP B 331 15.32 21.44 2.56
CA ASP B 331 16.43 20.61 2.08
C ASP B 331 17.14 19.82 3.20
N ARG B 332 16.43 19.55 4.28
CA ARG B 332 16.93 18.82 5.44
C ARG B 332 15.86 17.80 5.84
N MET B 333 15.05 17.40 4.86
CA MET B 333 13.96 16.45 5.11
C MET B 333 14.25 15.12 4.46
N LEU B 334 13.74 14.06 5.07
CA LEU B 334 13.86 12.72 4.51
C LEU B 334 13.08 12.54 3.20
N GLU B 335 13.75 11.88 2.26
CA GLU B 335 13.12 11.39 1.03
C GLU B 335 12.21 12.44 0.38
N ASP B 336 10.96 12.08 0.11
CA ASP B 336 9.95 12.97 -0.49
C ASP B 336 9.03 13.67 0.52
N HIS B 337 9.48 13.81 1.77
CA HIS B 337 8.57 14.32 2.80
C HIS B 337 8.12 15.76 2.57
N TYR B 338 8.99 16.61 2.03
CA TYR B 338 8.59 17.97 1.70
C TYR B 338 7.44 18.00 0.66
N GLN B 339 7.52 17.13 -0.35
CA GLN B 339 6.40 16.93 -1.29
C GLN B 339 5.14 16.43 -0.62
N ILE B 340 5.29 15.45 0.27
CA ILE B 340 4.16 14.88 0.94
C ILE B 340 3.44 15.95 1.71
N ILE B 341 4.20 16.78 2.44
CA ILE B 341 3.60 17.86 3.20
C ILE B 341 2.86 18.85 2.29
N THR B 342 3.47 19.22 1.17
CA THR B 342 2.89 20.17 0.23
C THR B 342 1.56 19.65 -0.30
N ILE B 343 1.57 18.41 -0.77
CA ILE B 343 0.39 17.74 -1.30
C ILE B 343 -0.76 17.62 -0.30
N LEU B 344 -0.49 17.09 0.90
CA LEU B 344 -1.55 16.93 1.91
C LEU B 344 -2.21 18.26 2.30
N LEU B 345 -1.42 19.32 2.42
CA LEU B 345 -1.95 20.65 2.75
C LEU B 345 -2.78 21.24 1.60
N GLU B 346 -2.34 21.03 0.36
CA GLU B 346 -3.09 21.43 -0.81
C GLU B 346 -4.41 20.69 -1.01
N GLU B 347 -4.45 19.38 -0.81
CA GLU B 347 -5.62 18.65 -1.24
C GLU B 347 -6.53 18.05 -0.16
N CYS B 348 -6.22 18.30 1.12
CA CYS B 348 -6.84 17.57 2.23
C CYS B 348 -7.36 18.29 3.51
N GLY B 349 -6.91 19.48 3.89
CA GLY B 349 -6.08 20.38 3.12
C GLY B 349 -6.58 21.80 3.35
#